data_7W3L
#
_entry.id   7W3L
#
_cell.length_a   186.433
_cell.length_b   186.433
_cell.length_c   107.457
_cell.angle_alpha   90.00
_cell.angle_beta   90.00
_cell.angle_gamma   120.00
#
_symmetry.space_group_name_H-M   'P 61 2 2'
#
loop_
_entity.id
_entity.type
_entity.pdbx_description
1 polymer 'Lysine-specific histone demethylase 1A'
2 non-polymer 'FLAVIN-ADENINE DINUCLEOTIDE'
3 non-polymer 3-[4-bromanyl-2,5-bis(fluoranyl)phenyl]propanal
4 non-polymer 'L(+)-TARTARIC ACID'
5 non-polymer GLYCEROL
6 water water
#
_entity_poly.entity_id   1
_entity_poly.type   'polypeptide(L)'
_entity_poly.pdbx_seq_one_letter_code
;GPLGSHMSGVEGAAFQSRLPHDRMTSQEAACFPDIISGPQQTQKVFLFIRNRTLQLWLDNPKIQLTFEATLQQLEAPYNS
DTVLVHRVHSYLERHGLINFGIYKRIKPLPTKKTGKVIIIGSGVSGLAAARQLQSFGMDVTLLEARDRVGGRVATFRKGN
YVADLGAMVVTGLGGNPMAVVSKQVNMELAKIKQKCPLYEANGQAVPKEKDEMVEQEFNRLLEATSYLSHQLDFNVLNNK
PVSLGQALEVVIQLQEKHVKDEQIEHWKKIVKTQEELKELLNKMVNLKEKIKELHQQYKEASEVKPPRDITAEFLVKSKH
RDLTALCKEYDELAETQGKLEEKLQELEANPPSDVYLSSRDRQILDWHFANLEFANATPLSTLSLKHWDQDDDFEFTGSH
LTVRNGYSCVPVALAEGLDIKLNTAVRQVRYTASGCEVIAVNTRSTSQTFIYKCDAVLCTLPLGVLKQQPPAVQFVPPLP
EWKTSAVQRMGFGNLNKVVLCFDRVFWDPSVNLFGHVGSTTASRGELFLFWNLYKAPILLALVAGEAAGIMENISDDVIV
GRCLAILKGIFGSSAVPQPKETVVSRWRADPWARGSYSYVAAGSSGNDYDLMAQPITPGPSIPGAPQPIPRLFFAGEHTI
RNYPATVHGALLSGLREAGRIADQFLGAM
;
_entity_poly.pdbx_strand_id   A
#
loop_
_chem_comp.id
_chem_comp.type
_chem_comp.name
_chem_comp.formula
8A2 non-polymer 3-[4-bromanyl-2,5-bis(fluoranyl)phenyl]propanal 'C9 H7 Br F2 O'
FAD non-polymer 'FLAVIN-ADENINE DINUCLEOTIDE' 'C27 H33 N9 O15 P2'
GOL non-polymer GLYCEROL 'C3 H8 O3'
TLA non-polymer 'L(+)-TARTARIC ACID' 'C4 H6 O6'
#
# COMPACT_ATOMS: atom_id res chain seq x y z
N SER A 8 27.68 -6.74 -4.89
CA SER A 8 29.04 -6.29 -4.56
C SER A 8 29.10 -5.16 -3.51
N GLY A 9 30.15 -4.31 -3.58
CA GLY A 9 30.45 -3.34 -2.55
C GLY A 9 30.18 -1.90 -2.95
N VAL A 10 30.91 -1.37 -3.93
CA VAL A 10 30.52 -0.08 -4.47
C VAL A 10 29.26 -0.20 -5.31
N GLU A 11 29.08 -1.33 -6.02
CA GLU A 11 27.79 -1.64 -6.61
C GLU A 11 26.67 -1.47 -5.58
N GLY A 12 26.79 -2.18 -4.45
CA GLY A 12 25.79 -2.08 -3.39
C GLY A 12 25.52 -0.66 -2.91
N ALA A 13 26.54 0.20 -2.89
CA ALA A 13 26.30 1.57 -2.44
C ALA A 13 25.38 2.30 -3.40
N ALA A 14 25.58 2.11 -4.70
CA ALA A 14 24.66 2.72 -5.67
C ALA A 14 23.26 2.20 -5.45
N PHE A 15 23.11 0.89 -5.41
CA PHE A 15 21.81 0.28 -5.14
C PHE A 15 21.17 0.88 -3.90
N GLN A 16 21.88 0.88 -2.78
CA GLN A 16 21.33 1.43 -1.55
C GLN A 16 20.94 2.89 -1.71
N SER A 17 21.49 3.59 -2.71
CA SER A 17 21.15 4.98 -2.98
C SER A 17 20.11 5.12 -4.09
N ARG A 18 19.49 4.02 -4.51
CA ARG A 18 18.52 4.05 -5.59
C ARG A 18 19.12 4.60 -6.88
N LEU A 19 20.39 4.27 -7.12
CA LEU A 19 21.06 4.71 -8.34
C LEU A 19 21.57 3.51 -9.12
N PRO A 20 21.62 3.61 -10.45
CA PRO A 20 22.29 2.58 -11.24
C PRO A 20 23.80 2.69 -11.09
N HIS A 21 24.44 1.59 -10.71
CA HIS A 21 25.87 1.67 -10.44
C HIS A 21 26.71 1.84 -11.68
N ASP A 22 26.16 1.60 -12.87
CA ASP A 22 26.99 1.50 -14.07
C ASP A 22 26.57 2.47 -15.16
N ARG A 23 25.71 3.42 -14.84
CA ARG A 23 25.48 4.53 -15.75
C ARG A 23 25.10 5.76 -14.94
N MET A 24 25.29 6.91 -15.56
CA MET A 24 24.91 8.17 -14.96
C MET A 24 23.41 8.39 -15.09
N THR A 25 22.80 8.95 -14.05
CA THR A 25 21.40 9.33 -14.17
C THR A 25 21.29 10.61 -14.97
N SER A 26 20.05 10.99 -15.27
CA SER A 26 19.81 12.22 -16.01
C SER A 26 20.22 13.43 -15.16
N GLN A 27 19.91 13.39 -13.88
CA GLN A 27 20.30 14.47 -12.99
C GLN A 27 21.82 14.64 -12.98
N GLU A 28 22.56 13.54 -12.85
CA GLU A 28 24.01 13.62 -12.92
C GLU A 28 24.47 14.13 -14.27
N ALA A 29 23.77 13.78 -15.35
CA ALA A 29 24.18 14.23 -16.67
C ALA A 29 24.00 15.73 -16.83
N ALA A 30 23.02 16.32 -16.13
CA ALA A 30 22.84 17.76 -16.17
C ALA A 30 23.94 18.47 -15.39
N CYS A 31 24.21 18.02 -14.16
CA CYS A 31 25.20 18.69 -13.34
C CYS A 31 26.63 18.42 -13.83
N PHE A 32 26.85 17.42 -14.67
CA PHE A 32 28.18 17.07 -15.16
C PHE A 32 28.20 16.93 -16.69
N PRO A 33 27.74 17.92 -17.44
CA PRO A 33 27.66 17.76 -18.90
C PRO A 33 28.99 17.44 -19.56
N ASP A 34 30.09 17.94 -19.02
CA ASP A 34 31.40 17.64 -19.58
C ASP A 34 31.78 16.18 -19.44
N ILE A 35 31.16 15.47 -18.49
CA ILE A 35 31.48 14.06 -18.27
C ILE A 35 30.84 13.19 -19.34
N ILE A 36 29.53 13.37 -19.58
CA ILE A 36 28.85 12.59 -20.61
C ILE A 36 29.42 12.90 -21.98
N SER A 37 29.69 14.17 -22.25
CA SER A 37 30.25 14.57 -23.53
C SER A 37 31.68 14.07 -23.73
N GLY A 38 32.32 13.51 -22.70
CA GLY A 38 33.72 13.19 -22.77
C GLY A 38 34.00 11.70 -22.91
N PRO A 39 35.28 11.33 -22.85
CA PRO A 39 35.67 9.93 -23.11
C PRO A 39 34.99 8.94 -22.16
N GLN A 40 34.80 7.71 -22.66
CA GLN A 40 34.11 6.68 -21.90
C GLN A 40 34.83 6.37 -20.59
N GLN A 41 36.16 6.25 -20.64
CA GLN A 41 36.90 5.84 -19.46
C GLN A 41 36.69 6.82 -18.32
N THR A 42 36.60 8.12 -18.63
CA THR A 42 36.47 9.11 -17.58
C THR A 42 35.06 9.11 -16.98
N GLN A 43 34.04 8.80 -17.78
CA GLN A 43 32.72 8.58 -17.20
C GLN A 43 32.72 7.38 -16.26
N LYS A 44 33.54 6.37 -16.56
CA LYS A 44 33.69 5.26 -15.62
C LYS A 44 34.37 5.74 -14.35
N VAL A 45 35.37 6.61 -14.47
CA VAL A 45 36.01 7.21 -13.31
C VAL A 45 34.99 7.96 -12.46
N PHE A 46 34.14 8.77 -13.11
CA PHE A 46 33.07 9.46 -12.39
C PHE A 46 32.23 8.49 -11.57
N LEU A 47 31.70 7.47 -12.25
CA LEU A 47 30.85 6.51 -11.57
C LEU A 47 31.55 5.85 -10.39
N PHE A 48 32.87 5.67 -10.46
CA PHE A 48 33.54 5.03 -9.34
C PHE A 48 33.67 5.99 -8.17
N ILE A 49 34.07 7.24 -8.46
CA ILE A 49 34.14 8.24 -7.39
C ILE A 49 32.79 8.34 -6.69
N ARG A 50 31.72 8.40 -7.48
CA ARG A 50 30.39 8.52 -6.89
C ARG A 50 30.05 7.30 -6.05
N ASN A 51 30.27 6.10 -6.58
CA ASN A 51 29.88 4.90 -5.86
C ASN A 51 30.68 4.75 -4.57
N ARG A 52 31.99 4.95 -4.66
CA ARG A 52 32.83 4.79 -3.48
C ARG A 52 32.55 5.89 -2.48
N THR A 53 32.15 7.07 -2.93
CA THR A 53 31.79 8.11 -1.97
C THR A 53 30.50 7.76 -1.27
N LEU A 54 29.55 7.19 -1.98
CA LEU A 54 28.35 6.68 -1.33
C LEU A 54 28.71 5.60 -0.34
N GLN A 55 29.64 4.73 -0.71
CA GLN A 55 29.98 3.60 0.17
C GLN A 55 30.66 4.07 1.44
N LEU A 56 31.57 5.03 1.34
CA LEU A 56 32.19 5.56 2.54
C LEU A 56 31.13 6.10 3.50
N TRP A 57 30.13 6.77 2.95
CA TRP A 57 29.09 7.34 3.80
C TRP A 57 28.22 6.25 4.40
N LEU A 58 27.66 5.38 3.55
CA LEU A 58 26.76 4.33 4.02
C LEU A 58 27.46 3.37 4.96
N ASP A 59 28.78 3.21 4.81
CA ASP A 59 29.50 2.33 5.71
C ASP A 59 29.52 2.90 7.12
N ASN A 60 29.58 4.22 7.24
CA ASN A 60 29.63 4.86 8.55
C ASN A 60 28.78 6.11 8.54
N PRO A 61 27.46 5.96 8.58
CA PRO A 61 26.55 7.11 8.47
C PRO A 61 26.40 7.90 9.75
N LYS A 62 27.19 7.59 10.77
CA LYS A 62 27.07 8.27 12.06
C LYS A 62 27.93 9.51 12.16
N ILE A 63 28.91 9.69 11.26
CA ILE A 63 29.71 10.90 11.25
C ILE A 63 29.68 11.51 9.86
N GLN A 64 29.89 12.82 9.81
CA GLN A 64 29.92 13.54 8.55
C GLN A 64 31.05 13.01 7.68
N LEU A 65 30.77 12.82 6.38
CA LEU A 65 31.79 12.43 5.42
C LEU A 65 32.23 13.68 4.66
N THR A 66 33.42 14.17 4.99
CA THR A 66 33.90 15.40 4.38
C THR A 66 34.59 15.11 3.06
N PHE A 67 34.82 16.19 2.30
CA PHE A 67 35.59 16.08 1.08
C PHE A 67 36.99 15.56 1.38
N GLU A 68 37.68 16.20 2.31
CA GLU A 68 39.03 15.78 2.68
C GLU A 68 39.09 14.30 2.99
N ALA A 69 38.12 13.81 3.77
CA ALA A 69 38.14 12.43 4.22
C ALA A 69 37.83 11.49 3.07
N THR A 70 37.01 11.93 2.13
CA THR A 70 36.82 11.14 0.92
C THR A 70 38.10 11.06 0.12
N LEU A 71 38.77 12.19 -0.05
CA LEU A 71 40.02 12.17 -0.81
C LEU A 71 41.03 11.26 -0.16
N GLN A 72 41.04 11.19 1.17
CA GLN A 72 41.98 10.32 1.86
C GLN A 72 41.77 8.87 1.47
N GLN A 73 40.53 8.41 1.56
CA GLN A 73 40.22 6.99 1.45
C GLN A 73 40.01 6.52 0.01
N LEU A 74 40.21 7.39 -0.98
CA LEU A 74 40.26 6.94 -2.36
C LEU A 74 41.63 6.36 -2.67
N GLU A 75 41.65 5.16 -3.24
CA GLU A 75 42.89 4.58 -3.71
C GLU A 75 43.36 5.30 -4.97
N ALA A 76 44.64 5.15 -5.28
CA ALA A 76 45.16 5.65 -6.53
C ALA A 76 44.47 4.93 -7.69
N PRO A 77 44.27 5.61 -8.83
CA PRO A 77 44.64 6.99 -9.17
C PRO A 77 43.60 8.02 -8.75
N TYR A 78 42.52 7.53 -8.16
CA TYR A 78 41.37 8.38 -7.89
C TYR A 78 41.72 9.53 -6.96
N ASN A 79 42.45 9.24 -5.87
CA ASN A 79 42.85 10.30 -4.94
C ASN A 79 43.72 11.37 -5.59
N SER A 80 44.09 11.21 -6.87
CA SER A 80 44.90 12.20 -7.55
C SER A 80 44.07 13.26 -8.26
N ASP A 81 42.84 12.94 -8.64
CA ASP A 81 42.03 13.88 -9.39
C ASP A 81 41.20 14.72 -8.42
N THR A 82 41.90 15.62 -7.75
CA THR A 82 41.33 16.35 -6.63
C THR A 82 40.06 17.10 -7.02
N VAL A 83 40.00 17.64 -8.23
CA VAL A 83 38.87 18.48 -8.62
C VAL A 83 37.62 17.64 -8.84
N LEU A 84 37.76 16.56 -9.58
CA LEU A 84 36.59 15.74 -9.87
C LEU A 84 36.00 15.18 -8.57
N VAL A 85 36.86 14.76 -7.65
CA VAL A 85 36.38 14.28 -6.36
C VAL A 85 35.56 15.37 -5.67
N HIS A 86 36.08 16.59 -5.65
CA HIS A 86 35.32 17.66 -5.03
C HIS A 86 33.99 17.86 -5.72
N ARG A 87 33.99 17.87 -7.06
CA ARG A 87 32.73 18.01 -7.79
C ARG A 87 31.72 16.92 -7.40
N VAL A 88 32.19 15.69 -7.26
CA VAL A 88 31.24 14.61 -6.97
C VAL A 88 30.78 14.69 -5.53
N HIS A 89 31.71 14.91 -4.59
CA HIS A 89 31.33 15.02 -3.19
C HIS A 89 30.28 16.11 -3.00
N SER A 90 30.51 17.27 -3.64
CA SER A 90 29.62 18.40 -3.48
C SER A 90 28.23 18.09 -4.01
N TYR A 91 28.17 17.46 -5.17
CA TYR A 91 26.90 17.09 -5.75
C TYR A 91 26.14 16.15 -4.82
N LEU A 92 26.81 15.09 -4.35
CA LEU A 92 26.14 14.11 -3.50
C LEU A 92 25.66 14.77 -2.21
N GLU A 93 26.47 15.68 -1.68
CA GLU A 93 26.08 16.35 -0.44
C GLU A 93 24.88 17.26 -0.68
N ARG A 94 24.91 18.01 -1.78
CA ARG A 94 23.86 18.97 -2.08
C ARG A 94 22.52 18.27 -2.24
N HIS A 95 22.49 17.13 -2.94
CA HIS A 95 21.26 16.39 -3.14
C HIS A 95 20.94 15.45 -1.99
N GLY A 96 21.61 15.56 -0.84
CA GLY A 96 21.21 14.76 0.29
C GLY A 96 21.46 13.29 0.15
N LEU A 97 22.39 12.86 -0.70
CA LEU A 97 22.72 11.45 -0.78
C LEU A 97 23.83 11.05 0.18
N ILE A 98 24.65 12.01 0.63
CA ILE A 98 25.52 11.80 1.78
C ILE A 98 25.22 12.89 2.80
N ASN A 99 25.69 12.68 4.03
CA ASN A 99 25.53 13.64 5.11
C ASN A 99 24.07 14.10 5.23
N PHE A 100 23.18 13.12 5.37
CA PHE A 100 21.80 13.42 5.65
C PHE A 100 21.37 12.70 6.92
N GLY A 101 20.24 13.15 7.47
CA GLY A 101 19.76 12.59 8.71
C GLY A 101 20.46 13.26 9.88
N ILE A 102 20.85 12.48 10.87
CA ILE A 102 21.52 13.05 12.03
C ILE A 102 22.83 12.31 12.24
N TYR A 103 23.91 13.07 12.32
CA TYR A 103 25.28 12.54 12.34
C TYR A 103 26.18 13.58 13.01
N LYS A 104 27.36 13.13 13.45
CA LYS A 104 28.28 14.02 14.15
C LYS A 104 28.98 14.94 13.15
N ARG A 105 28.81 16.25 13.32
CA ARG A 105 29.45 17.17 12.40
C ARG A 105 30.94 17.20 12.68
N ILE A 106 31.73 17.18 11.62
CA ILE A 106 33.16 17.42 11.78
C ILE A 106 33.43 18.92 11.83
N LYS A 107 32.97 19.64 10.82
CA LYS A 107 33.06 21.08 10.79
C LYS A 107 31.82 21.67 11.47
N PRO A 108 31.97 22.30 12.65
CA PRO A 108 30.81 22.96 13.29
C PRO A 108 30.19 24.03 12.40
N LEU A 109 28.94 24.37 12.73
CA LEU A 109 28.07 25.07 11.79
C LEU A 109 28.57 26.48 11.49
N PRO A 110 28.49 26.93 10.23
CA PRO A 110 28.92 28.29 9.91
C PRO A 110 28.15 29.30 10.75
N THR A 111 28.88 30.28 11.27
CA THR A 111 28.35 31.13 12.31
C THR A 111 27.51 32.28 11.76
N LYS A 112 27.86 32.81 10.59
CA LYS A 112 26.98 33.74 9.88
C LYS A 112 26.13 32.95 8.89
N LYS A 113 24.80 33.02 9.05
CA LYS A 113 23.89 32.29 8.19
C LYS A 113 23.70 33.02 6.86
N THR A 114 23.07 32.35 5.91
CA THR A 114 22.86 32.90 4.58
C THR A 114 21.44 32.51 4.13
N GLY A 115 20.53 33.48 4.17
CA GLY A 115 19.16 33.19 3.78
C GLY A 115 18.29 32.70 4.92
N LYS A 116 17.02 33.10 4.92
CA LYS A 116 16.09 32.81 6.00
C LYS A 116 14.93 32.00 5.44
N VAL A 117 14.82 30.73 5.85
CA VAL A 117 13.75 29.84 5.40
C VAL A 117 12.85 29.51 6.58
N ILE A 118 11.55 29.68 6.39
CA ILE A 118 10.54 29.14 7.29
C ILE A 118 10.05 27.82 6.72
N ILE A 119 10.03 26.79 7.53
CA ILE A 119 9.44 25.50 7.18
C ILE A 119 8.13 25.34 7.94
N ILE A 120 7.07 24.97 7.22
CA ILE A 120 5.76 24.75 7.81
C ILE A 120 5.61 23.28 8.08
N GLY A 121 5.44 22.95 9.36
CA GLY A 121 5.33 21.57 9.73
C GLY A 121 6.65 20.93 10.09
N SER A 122 6.59 20.13 11.14
CA SER A 122 7.76 19.50 11.70
C SER A 122 7.66 17.98 11.66
N GLY A 123 7.02 17.44 10.63
CA GLY A 123 7.08 16.02 10.37
C GLY A 123 8.40 15.64 9.73
N VAL A 124 8.46 14.41 9.22
CA VAL A 124 9.71 13.89 8.68
C VAL A 124 10.17 14.71 7.47
N SER A 125 9.23 15.11 6.59
CA SER A 125 9.65 15.92 5.44
C SER A 125 10.24 17.26 5.90
N GLY A 126 9.56 17.95 6.82
CA GLY A 126 10.09 19.21 7.31
C GLY A 126 11.39 19.05 8.10
N LEU A 127 11.46 18.03 8.96
CA LEU A 127 12.69 17.87 9.73
C LEU A 127 13.87 17.56 8.82
N ALA A 128 13.65 16.67 7.84
CA ALA A 128 14.75 16.27 6.95
C ALA A 128 15.28 17.46 6.18
N ALA A 129 14.38 18.24 5.58
CA ALA A 129 14.76 19.45 4.90
C ALA A 129 15.48 20.41 5.85
N ALA A 130 14.88 20.65 7.02
CA ALA A 130 15.48 21.53 8.01
C ALA A 130 16.93 21.16 8.32
N ARG A 131 17.20 19.88 8.62
CA ARG A 131 18.57 19.54 8.99
C ARG A 131 19.53 19.81 7.84
N GLN A 132 19.07 19.62 6.60
CA GLN A 132 19.89 19.93 5.45
C GLN A 132 20.19 21.41 5.36
N LEU A 133 19.14 22.22 5.28
CA LEU A 133 19.34 23.66 5.20
C LEU A 133 20.24 24.17 6.31
N GLN A 134 20.11 23.64 7.54
CA GLN A 134 20.99 24.08 8.61
C GLN A 134 22.43 23.67 8.31
N SER A 135 22.63 22.45 7.81
CA SER A 135 23.97 22.05 7.40
C SER A 135 24.49 22.94 6.28
N PHE A 136 23.63 23.33 5.35
CA PHE A 136 24.07 24.19 4.25
C PHE A 136 24.31 25.63 4.70
N GLY A 137 24.10 25.93 5.97
CA GLY A 137 24.43 27.24 6.50
C GLY A 137 23.35 28.29 6.42
N MET A 138 22.08 27.91 6.47
CA MET A 138 21.00 28.88 6.35
C MET A 138 20.26 29.03 7.67
N ASP A 139 19.55 30.14 7.79
CA ASP A 139 18.76 30.44 8.99
C ASP A 139 17.40 29.77 8.81
N VAL A 140 17.18 28.65 9.50
CA VAL A 140 15.97 27.84 9.37
C VAL A 140 15.17 27.89 10.66
N THR A 141 13.86 28.12 10.54
CA THR A 141 12.92 27.94 11.64
C THR A 141 11.74 27.12 11.16
N LEU A 142 11.33 26.15 11.99
CA LEU A 142 10.14 25.37 11.73
C LEU A 142 8.99 25.91 12.56
N LEU A 143 7.82 25.98 11.94
CA LEU A 143 6.57 26.32 12.62
C LEU A 143 5.71 25.07 12.62
N GLU A 144 5.43 24.56 13.82
CA GLU A 144 4.70 23.31 14.02
C GLU A 144 3.46 23.60 14.83
N ALA A 145 2.30 23.19 14.32
CA ALA A 145 1.06 23.55 15.00
C ALA A 145 0.81 22.70 16.23
N ARG A 146 1.28 21.45 16.23
CA ARG A 146 1.05 20.57 17.37
C ARG A 146 2.00 20.94 18.50
N ASP A 147 1.88 20.22 19.62
CA ASP A 147 2.80 20.37 20.74
C ASP A 147 3.92 19.34 20.70
N ARG A 148 4.13 18.72 19.55
CA ARG A 148 5.14 17.70 19.38
C ARG A 148 5.61 17.74 17.94
N VAL A 149 6.77 17.12 17.69
CA VAL A 149 7.22 16.94 16.32
C VAL A 149 6.75 15.59 15.80
N GLY A 150 7.08 15.26 14.56
CA GLY A 150 6.80 13.96 13.98
C GLY A 150 5.58 13.91 13.08
N GLY A 151 4.60 14.78 13.30
CA GLY A 151 3.40 14.81 12.51
C GLY A 151 2.67 13.48 12.45
N ARG A 152 2.70 12.83 11.29
CA ARG A 152 1.98 11.55 11.17
C ARG A 152 2.81 10.36 11.62
N VAL A 153 4.04 10.61 12.08
CA VAL A 153 4.71 9.70 13.00
C VAL A 153 4.33 10.15 14.40
N ALA A 154 3.59 9.31 15.12
CA ALA A 154 3.09 9.65 16.44
C ALA A 154 3.11 8.41 17.30
N THR A 155 3.89 8.43 18.37
CA THR A 155 4.01 7.27 19.25
C THR A 155 3.40 7.56 20.62
N PHE A 156 2.53 6.66 21.06
CA PHE A 156 2.01 6.66 22.41
C PHE A 156 3.01 6.01 23.35
N ARG A 157 3.28 6.65 24.48
CA ARG A 157 4.23 6.14 25.47
C ARG A 157 3.73 6.46 26.87
N LYS A 158 3.60 5.42 27.69
CA LYS A 158 3.14 5.57 29.06
C LYS A 158 3.59 4.32 29.77
N GLY A 159 4.39 4.47 30.84
CA GLY A 159 4.91 3.28 31.50
C GLY A 159 5.82 2.51 30.57
N ASN A 160 5.66 1.17 30.55
CA ASN A 160 6.38 0.34 29.59
C ASN A 160 5.69 0.25 28.23
N TYR A 161 4.55 0.88 28.03
CA TYR A 161 3.78 0.70 26.80
C TYR A 161 4.31 1.61 25.70
N VAL A 162 4.54 1.03 24.51
CA VAL A 162 4.90 1.78 23.32
C VAL A 162 3.98 1.32 22.20
N ALA A 163 3.46 2.27 21.42
CA ALA A 163 2.51 1.96 20.34
C ALA A 163 2.44 3.12 19.37
N ASP A 164 2.59 2.83 18.07
CA ASP A 164 2.58 3.85 17.04
C ASP A 164 1.18 4.08 16.53
N LEU A 165 0.70 5.32 16.61
CA LEU A 165 -0.60 5.68 16.09
C LEU A 165 -0.57 6.11 14.63
N GLY A 166 0.59 6.47 14.11
CA GLY A 166 0.70 6.81 12.71
C GLY A 166 1.49 5.73 12.02
N ALA A 167 2.49 6.10 11.23
CA ALA A 167 3.37 5.11 10.62
C ALA A 167 3.99 4.18 11.67
N MET A 168 4.14 2.92 11.29
CA MET A 168 4.74 1.88 12.13
C MET A 168 5.60 0.89 11.37
N VAL A 169 5.47 0.82 10.05
CA VAL A 169 6.11 -0.19 9.25
C VAL A 169 7.22 0.47 8.46
N VAL A 170 8.38 -0.16 8.45
CA VAL A 170 9.46 0.16 7.54
C VAL A 170 9.37 -0.86 6.43
N THR A 171 9.30 -0.42 5.19
CA THR A 171 9.19 -1.39 4.10
C THR A 171 10.56 -2.04 3.94
N GLY A 172 10.97 -2.42 2.75
CA GLY A 172 12.30 -3.02 2.63
C GLY A 172 13.41 -2.08 3.11
N LEU A 173 14.59 -2.65 3.43
CA LEU A 173 15.74 -1.80 3.72
C LEU A 173 16.61 -1.55 2.50
N GLY A 174 16.51 -2.39 1.48
CA GLY A 174 17.35 -2.22 0.31
C GLY A 174 16.92 -1.05 -0.54
N GLY A 175 17.76 -0.02 -0.63
CA GLY A 175 17.38 1.22 -1.27
C GLY A 175 16.70 2.22 -0.36
N ASN A 176 16.26 1.78 0.81
CA ASN A 176 15.50 2.61 1.70
C ASN A 176 16.41 3.56 2.48
N PRO A 177 16.22 4.88 2.39
CA PRO A 177 17.04 5.80 3.19
C PRO A 177 16.83 5.62 4.66
N MET A 178 15.68 5.09 5.06
CA MET A 178 15.45 4.86 6.48
C MET A 178 16.44 3.85 7.04
N ALA A 179 17.06 3.03 6.19
CA ALA A 179 18.11 2.16 6.72
C ALA A 179 19.24 2.98 7.32
N VAL A 180 19.58 4.09 6.68
CA VAL A 180 20.62 4.96 7.21
C VAL A 180 20.15 5.58 8.50
N VAL A 181 18.94 6.15 8.50
CA VAL A 181 18.45 6.85 9.69
C VAL A 181 18.31 5.87 10.85
N SER A 182 17.88 4.64 10.57
CA SER A 182 17.80 3.62 11.60
C SER A 182 19.15 3.45 12.29
N LYS A 183 20.24 3.33 11.51
CA LYS A 183 21.56 3.21 12.11
C LYS A 183 21.88 4.46 12.94
N GLN A 184 21.50 5.63 12.44
CA GLN A 184 21.85 6.89 13.10
C GLN A 184 21.13 7.02 14.45
N VAL A 185 19.87 6.60 14.49
CA VAL A 185 18.98 6.83 15.61
C VAL A 185 18.91 5.64 16.56
N ASN A 186 19.47 4.50 16.18
CA ASN A 186 19.44 3.29 17.00
C ASN A 186 18.00 2.79 17.13
N MET A 187 17.33 2.76 15.98
CA MET A 187 15.99 2.23 15.88
C MET A 187 16.00 0.71 16.03
N GLU A 188 15.12 0.19 16.86
CA GLU A 188 14.97 -1.25 16.97
C GLU A 188 13.88 -1.67 15.99
N LEU A 189 14.28 -2.21 14.85
CA LEU A 189 13.35 -2.75 13.88
C LEU A 189 13.22 -4.25 14.07
N ALA A 190 12.11 -4.81 13.58
CA ALA A 190 11.88 -6.24 13.65
C ALA A 190 11.09 -6.72 12.45
N LYS A 191 11.62 -7.73 11.75
CA LYS A 191 10.93 -8.25 10.57
C LYS A 191 9.55 -8.74 10.94
N ILE A 192 8.56 -8.49 10.09
CA ILE A 192 7.23 -8.97 10.34
C ILE A 192 7.12 -10.41 9.87
N LYS A 193 6.68 -11.28 10.76
CA LYS A 193 6.39 -12.64 10.38
C LYS A 193 5.16 -12.67 9.49
N GLN A 194 5.19 -13.52 8.47
CA GLN A 194 4.18 -13.42 7.43
C GLN A 194 2.85 -14.04 7.84
N LYS A 195 2.86 -15.01 8.76
CA LYS A 195 1.63 -15.73 9.09
C LYS A 195 0.58 -14.79 9.65
N CYS A 196 -0.62 -14.87 9.09
CA CYS A 196 -1.73 -14.01 9.51
C CYS A 196 -3.00 -14.86 9.49
N PRO A 197 -3.26 -15.57 10.58
CA PRO A 197 -4.49 -16.35 10.67
C PRO A 197 -5.72 -15.46 10.70
N LEU A 198 -6.80 -15.97 10.13
CA LEU A 198 -8.05 -15.23 10.02
C LEU A 198 -9.10 -15.93 10.84
N TYR A 199 -9.97 -15.14 11.45
CA TYR A 199 -11.08 -15.66 12.24
C TYR A 199 -12.37 -15.09 11.70
N GLU A 200 -13.28 -15.98 11.34
CA GLU A 200 -14.60 -15.54 10.91
C GLU A 200 -15.27 -14.76 12.03
N ALA A 201 -16.33 -14.03 11.67
CA ALA A 201 -16.94 -13.10 12.62
C ALA A 201 -17.45 -13.78 13.87
N ASN A 202 -17.68 -15.10 13.83
CA ASN A 202 -18.03 -15.86 15.02
C ASN A 202 -16.83 -16.26 15.86
N GLY A 203 -15.62 -15.99 15.39
CA GLY A 203 -14.42 -16.39 16.10
C GLY A 203 -13.76 -17.65 15.58
N GLN A 204 -14.48 -18.46 14.79
CA GLN A 204 -13.89 -19.65 14.19
C GLN A 204 -12.72 -19.29 13.28
N ALA A 205 -11.65 -20.05 13.42
CA ALA A 205 -10.53 -19.92 12.51
C ALA A 205 -10.95 -20.34 11.11
N VAL A 206 -10.41 -19.64 10.12
CA VAL A 206 -10.62 -19.99 8.73
C VAL A 206 -9.77 -21.22 8.46
N PRO A 207 -10.36 -22.30 7.96
CA PRO A 207 -9.56 -23.48 7.62
C PRO A 207 -8.49 -23.14 6.58
N LYS A 208 -7.44 -23.95 6.57
CA LYS A 208 -6.30 -23.65 5.71
C LYS A 208 -6.70 -23.72 4.25
N GLU A 209 -7.47 -24.73 3.88
CA GLU A 209 -7.92 -24.82 2.50
C GLU A 209 -8.66 -23.57 2.08
N LYS A 210 -9.46 -22.99 2.98
CA LYS A 210 -10.27 -21.85 2.58
C LYS A 210 -9.45 -20.58 2.56
N ASP A 211 -8.63 -20.36 3.58
CA ASP A 211 -7.70 -19.24 3.56
C ASP A 211 -6.90 -19.24 2.27
N GLU A 212 -6.39 -20.42 1.90
CA GLU A 212 -5.58 -20.54 0.69
C GLU A 212 -6.41 -20.36 -0.55
N MET A 213 -7.54 -21.06 -0.63
CA MET A 213 -8.40 -20.95 -1.78
C MET A 213 -8.84 -19.50 -2.00
N VAL A 214 -9.30 -18.83 -0.93
CA VAL A 214 -9.83 -17.48 -1.13
C VAL A 214 -8.70 -16.52 -1.51
N GLU A 215 -7.54 -16.66 -0.87
CA GLU A 215 -6.43 -15.75 -1.17
C GLU A 215 -6.00 -15.89 -2.62
N GLN A 216 -5.96 -17.12 -3.11
CA GLN A 216 -5.60 -17.35 -4.51
C GLN A 216 -6.60 -16.70 -5.46
N GLU A 217 -7.89 -16.73 -5.12
CA GLU A 217 -8.86 -16.08 -5.99
C GLU A 217 -8.75 -14.57 -5.89
N PHE A 218 -8.29 -14.07 -4.74
CA PHE A 218 -8.05 -12.63 -4.60
C PHE A 218 -6.91 -12.19 -5.53
N ASN A 219 -5.77 -12.88 -5.47
CA ASN A 219 -4.69 -12.58 -6.39
C ASN A 219 -5.17 -12.68 -7.84
N ARG A 220 -5.97 -13.70 -8.15
CA ARG A 220 -6.44 -13.87 -9.52
C ARG A 220 -7.28 -12.69 -9.99
N LEU A 221 -8.27 -12.30 -9.18
CA LEU A 221 -9.13 -11.18 -9.54
C LEU A 221 -8.32 -9.90 -9.78
N LEU A 222 -7.38 -9.60 -8.89
CA LEU A 222 -6.62 -8.36 -9.01
C LEU A 222 -5.80 -8.32 -10.30
N GLU A 223 -5.15 -9.44 -10.65
CA GLU A 223 -4.42 -9.43 -11.92
C GLU A 223 -5.37 -9.26 -13.10
N ALA A 224 -6.60 -9.74 -13.00
CA ALA A 224 -7.54 -9.51 -14.09
C ALA A 224 -7.78 -8.02 -14.30
N THR A 225 -8.03 -7.28 -13.22
CA THR A 225 -8.18 -5.83 -13.32
C THR A 225 -6.95 -5.22 -13.97
N SER A 226 -5.77 -5.71 -13.61
CA SER A 226 -4.56 -5.18 -14.25
C SER A 226 -4.49 -5.55 -15.73
N TYR A 227 -5.00 -6.72 -16.10
CA TYR A 227 -5.03 -7.07 -17.52
C TYR A 227 -5.96 -6.17 -18.28
N LEU A 228 -7.16 -5.95 -17.72
CA LEU A 228 -8.14 -5.03 -18.29
C LEU A 228 -7.53 -3.66 -18.52
N SER A 229 -6.83 -3.16 -17.50
CA SER A 229 -6.30 -1.81 -17.57
C SER A 229 -5.16 -1.72 -18.57
N HIS A 230 -4.12 -2.53 -18.38
CA HIS A 230 -2.84 -2.35 -19.05
C HIS A 230 -2.69 -3.23 -20.28
N GLN A 231 -3.69 -4.02 -20.63
CA GLN A 231 -3.70 -4.71 -21.92
C GLN A 231 -4.94 -4.42 -22.73
N LEU A 232 -6.07 -4.11 -22.12
CA LEU A 232 -7.30 -3.85 -22.84
C LEU A 232 -7.80 -2.41 -22.74
N ASP A 233 -7.04 -1.52 -22.10
CA ASP A 233 -7.36 -0.09 -22.00
C ASP A 233 -8.79 0.14 -21.51
N PHE A 234 -9.18 -0.65 -20.52
CA PHE A 234 -10.46 -0.46 -19.85
C PHE A 234 -10.32 0.60 -18.76
N ASN A 235 -10.17 1.84 -19.18
CA ASN A 235 -9.82 2.87 -18.22
C ASN A 235 -10.81 4.01 -18.15
N VAL A 236 -11.46 4.36 -19.24
CA VAL A 236 -12.51 5.36 -19.26
C VAL A 236 -13.77 4.68 -19.75
N LEU A 237 -14.83 4.78 -18.97
CA LEU A 237 -16.10 4.15 -19.30
C LEU A 237 -17.21 5.18 -19.14
N ASN A 238 -17.90 5.47 -20.24
CA ASN A 238 -19.03 6.38 -20.22
C ASN A 238 -18.63 7.71 -19.58
N ASN A 239 -17.51 8.25 -20.05
CA ASN A 239 -16.93 9.52 -19.66
C ASN A 239 -16.33 9.51 -18.27
N LYS A 240 -16.33 8.38 -17.56
CA LYS A 240 -15.79 8.40 -16.22
C LYS A 240 -14.59 7.46 -16.12
N PRO A 241 -13.57 7.85 -15.35
CA PRO A 241 -12.43 6.95 -15.12
C PRO A 241 -12.81 5.75 -14.27
N VAL A 242 -12.33 4.59 -14.68
CA VAL A 242 -12.67 3.34 -14.00
C VAL A 242 -11.92 3.28 -12.67
N SER A 243 -12.64 2.95 -11.61
CA SER A 243 -12.00 2.75 -10.32
C SER A 243 -11.60 1.29 -10.18
N LEU A 244 -10.59 1.07 -9.35
CA LEU A 244 -10.18 -0.31 -9.08
C LEU A 244 -11.34 -1.11 -8.52
N GLY A 245 -12.11 -0.53 -7.61
CA GLY A 245 -13.23 -1.25 -7.05
C GLY A 245 -14.24 -1.60 -8.11
N GLN A 246 -14.43 -0.70 -9.08
CA GLN A 246 -15.35 -0.96 -10.16
C GLN A 246 -14.85 -2.08 -11.04
N ALA A 247 -13.56 -2.08 -11.35
CA ALA A 247 -13.01 -3.17 -12.14
C ALA A 247 -13.15 -4.49 -11.41
N LEU A 248 -12.98 -4.47 -10.09
CA LEU A 248 -13.11 -5.69 -9.30
C LEU A 248 -14.53 -6.25 -9.39
N GLU A 249 -15.53 -5.37 -9.40
CA GLU A 249 -16.90 -5.86 -9.55
C GLU A 249 -17.12 -6.47 -10.93
N VAL A 250 -16.46 -5.94 -11.96
CA VAL A 250 -16.62 -6.48 -13.29
C VAL A 250 -16.07 -7.89 -13.37
N VAL A 251 -14.82 -8.08 -12.94
CA VAL A 251 -14.19 -9.39 -13.08
C VAL A 251 -14.84 -10.43 -12.18
N ILE A 252 -15.40 -10.00 -11.04
CA ILE A 252 -16.20 -10.93 -10.25
C ILE A 252 -17.48 -11.29 -10.99
N GLN A 253 -18.10 -10.33 -11.67
CA GLN A 253 -19.35 -10.62 -12.36
C GLN A 253 -19.15 -11.64 -13.47
N LEU A 254 -18.01 -11.59 -14.15
CA LEU A 254 -17.73 -12.57 -15.19
C LEU A 254 -17.49 -13.95 -14.60
N GLN A 255 -16.75 -14.04 -13.49
CA GLN A 255 -16.61 -15.35 -12.85
C GLN A 255 -17.96 -15.91 -12.38
N GLU A 256 -18.87 -15.03 -11.96
CA GLU A 256 -20.21 -15.48 -11.61
C GLU A 256 -20.94 -16.01 -12.84
N LYS A 257 -20.76 -15.34 -13.98
CA LYS A 257 -21.38 -15.78 -15.22
C LYS A 257 -20.83 -17.13 -15.64
N HIS A 258 -19.51 -17.28 -15.60
CA HIS A 258 -18.90 -18.55 -15.97
C HIS A 258 -19.41 -19.69 -15.09
N VAL A 259 -19.52 -19.44 -13.79
CA VAL A 259 -20.03 -20.46 -12.88
C VAL A 259 -21.43 -20.88 -13.29
N LYS A 260 -22.28 -19.90 -13.59
CA LYS A 260 -23.66 -20.18 -13.96
C LYS A 260 -23.73 -20.93 -15.30
N ASP A 261 -22.79 -20.65 -16.22
CA ASP A 261 -22.82 -21.28 -17.53
C ASP A 261 -22.51 -22.75 -17.46
N GLU A 262 -21.43 -23.11 -16.77
CA GLU A 262 -21.12 -24.53 -16.61
C GLU A 262 -22.23 -25.25 -15.87
N GLN A 263 -22.92 -24.54 -14.98
CA GLN A 263 -24.07 -25.12 -14.30
C GLN A 263 -25.19 -25.38 -15.29
N ILE A 264 -25.38 -24.47 -16.24
CA ILE A 264 -26.38 -24.64 -17.27
C ILE A 264 -26.04 -25.81 -18.17
N GLU A 265 -24.81 -25.82 -18.71
CA GLU A 265 -24.36 -26.95 -19.52
C GLU A 265 -24.55 -28.26 -18.79
N HIS A 266 -24.30 -28.26 -17.48
CA HIS A 266 -24.46 -29.49 -16.72
C HIS A 266 -25.92 -29.92 -16.65
N TRP A 267 -26.83 -28.98 -16.36
CA TRP A 267 -28.23 -29.36 -16.38
C TRP A 267 -28.63 -29.87 -17.77
N LYS A 268 -28.03 -29.33 -18.83
CA LYS A 268 -28.39 -29.77 -20.17
C LYS A 268 -27.88 -31.19 -20.43
N LYS A 269 -26.67 -31.51 -19.97
CA LYS A 269 -26.19 -32.88 -20.05
C LYS A 269 -27.14 -33.83 -19.35
N ILE A 270 -27.61 -33.45 -18.16
CA ILE A 270 -28.48 -34.33 -17.40
C ILE A 270 -29.80 -34.53 -18.15
N VAL A 271 -30.48 -33.44 -18.50
CA VAL A 271 -31.78 -33.57 -19.17
C VAL A 271 -31.65 -34.45 -20.41
N LYS A 272 -30.63 -34.19 -21.24
CA LYS A 272 -30.47 -34.96 -22.46
C LYS A 272 -30.31 -36.44 -22.15
N THR A 273 -29.45 -36.76 -21.20
CA THR A 273 -29.28 -38.16 -20.82
C THR A 273 -30.56 -38.71 -20.18
N GLN A 274 -31.32 -37.86 -19.50
CA GLN A 274 -32.60 -38.31 -18.96
C GLN A 274 -33.61 -38.61 -20.06
N GLU A 275 -33.66 -37.77 -21.10
CA GLU A 275 -34.55 -38.02 -22.22
C GLU A 275 -34.16 -39.30 -22.95
N GLU A 276 -32.87 -39.55 -23.14
CA GLU A 276 -32.43 -40.77 -23.79
C GLU A 276 -32.91 -41.99 -23.02
N LEU A 277 -32.68 -41.99 -21.70
CA LEU A 277 -33.18 -43.07 -20.87
C LEU A 277 -34.70 -43.18 -20.95
N LYS A 278 -35.41 -42.05 -20.88
CA LYS A 278 -36.86 -42.08 -21.00
C LYS A 278 -37.29 -42.73 -22.31
N GLU A 279 -36.72 -42.27 -23.43
CA GLU A 279 -37.06 -42.83 -24.73
C GLU A 279 -36.70 -44.30 -24.81
N LEU A 280 -35.50 -44.66 -24.33
CA LEU A 280 -35.05 -46.04 -24.42
C LEU A 280 -35.97 -46.97 -23.63
N LEU A 281 -36.29 -46.61 -22.38
CA LEU A 281 -37.09 -47.51 -21.57
C LEU A 281 -38.47 -47.72 -22.18
N ASN A 282 -39.06 -46.65 -22.72
CA ASN A 282 -40.31 -46.83 -23.46
C ASN A 282 -40.14 -47.82 -24.60
N LYS A 283 -39.05 -47.71 -25.35
CA LYS A 283 -38.83 -48.57 -26.51
C LYS A 283 -38.59 -50.01 -26.10
N MET A 284 -37.87 -50.23 -24.99
CA MET A 284 -37.74 -51.58 -24.44
C MET A 284 -39.11 -52.11 -24.03
N VAL A 285 -40.00 -51.21 -23.60
CA VAL A 285 -41.35 -51.62 -23.20
C VAL A 285 -42.11 -52.17 -24.40
N ASN A 286 -42.08 -51.45 -25.53
CA ASN A 286 -42.77 -51.93 -26.71
C ASN A 286 -42.18 -53.21 -27.26
N LEU A 287 -40.93 -53.51 -26.95
CA LEU A 287 -40.32 -54.77 -27.36
C LEU A 287 -40.62 -55.92 -26.40
N LYS A 288 -40.95 -55.63 -25.13
CA LYS A 288 -41.53 -56.67 -24.28
C LYS A 288 -42.95 -57.00 -24.73
N GLU A 289 -43.74 -55.99 -25.09
CA GLU A 289 -45.05 -56.22 -25.66
C GLU A 289 -44.95 -57.00 -26.97
N LYS A 290 -43.95 -56.67 -27.79
CA LYS A 290 -43.74 -57.41 -29.03
C LYS A 290 -43.31 -58.84 -28.74
N ILE A 291 -42.64 -59.06 -27.62
CA ILE A 291 -42.23 -60.41 -27.24
C ILE A 291 -43.35 -61.14 -26.50
N LYS A 292 -44.04 -60.45 -25.59
CA LYS A 292 -45.29 -61.00 -25.04
C LYS A 292 -46.18 -61.51 -26.16
N GLU A 293 -46.29 -60.74 -27.25
CA GLU A 293 -47.18 -61.09 -28.34
C GLU A 293 -46.62 -62.24 -29.19
N LEU A 294 -45.29 -62.40 -29.22
CA LEU A 294 -44.71 -63.54 -29.92
C LEU A 294 -44.58 -64.75 -29.00
N HIS A 295 -44.23 -64.51 -27.73
CA HIS A 295 -44.22 -65.58 -26.75
C HIS A 295 -45.56 -66.30 -26.69
N GLN A 296 -46.66 -65.55 -26.84
CA GLN A 296 -47.99 -66.15 -26.79
C GLN A 296 -48.25 -67.06 -27.99
N GLN A 297 -47.67 -66.74 -29.14
CA GLN A 297 -47.81 -67.61 -30.30
C GLN A 297 -46.93 -68.84 -30.20
N TYR A 298 -46.07 -68.94 -29.19
CA TYR A 298 -45.12 -70.03 -29.12
C TYR A 298 -45.72 -71.27 -28.47
N LYS A 299 -46.65 -71.12 -27.51
CA LYS A 299 -47.31 -72.29 -26.94
C LYS A 299 -48.43 -72.83 -27.84
N GLU A 300 -49.04 -71.97 -28.68
CA GLU A 300 -49.99 -72.45 -29.68
C GLU A 300 -49.40 -73.55 -30.53
N ALA A 301 -48.07 -73.62 -30.63
CA ALA A 301 -47.36 -74.73 -31.23
C ALA A 301 -46.65 -75.56 -30.15
N ASP A 309 -46.47 -83.02 -37.91
CA ASP A 309 -46.65 -82.05 -38.99
C ASP A 309 -45.30 -81.40 -39.34
N ILE A 310 -44.92 -81.43 -40.63
CA ILE A 310 -43.62 -80.92 -41.05
C ILE A 310 -43.62 -79.41 -41.30
N THR A 311 -44.77 -78.81 -41.59
CA THR A 311 -44.85 -77.35 -41.60
C THR A 311 -45.05 -76.79 -40.19
N ALA A 312 -45.51 -77.62 -39.25
CA ALA A 312 -45.47 -77.26 -37.83
C ALA A 312 -44.14 -77.62 -37.18
N GLU A 313 -43.45 -78.64 -37.71
CA GLU A 313 -42.10 -78.95 -37.25
C GLU A 313 -41.12 -77.84 -37.61
N PHE A 314 -41.12 -77.42 -38.89
CA PHE A 314 -40.35 -76.27 -39.30
C PHE A 314 -40.86 -74.97 -38.65
N LEU A 315 -42.11 -74.98 -38.18
CA LEU A 315 -42.70 -73.79 -37.56
C LEU A 315 -42.04 -73.46 -36.23
N VAL A 316 -41.69 -74.49 -35.46
CA VAL A 316 -41.05 -74.26 -34.18
C VAL A 316 -39.68 -73.63 -34.37
N LYS A 317 -38.88 -74.20 -35.28
CA LYS A 317 -37.57 -73.62 -35.57
C LYS A 317 -37.69 -72.16 -35.98
N SER A 318 -38.64 -71.86 -36.86
CA SER A 318 -38.83 -70.48 -37.28
C SER A 318 -39.28 -69.61 -36.11
N LYS A 319 -40.19 -70.11 -35.28
CA LYS A 319 -40.70 -69.29 -34.19
C LYS A 319 -39.78 -69.25 -32.99
N HIS A 320 -38.94 -70.26 -32.77
CA HIS A 320 -37.88 -70.11 -31.79
C HIS A 320 -36.79 -69.18 -32.30
N ARG A 321 -36.41 -69.33 -33.57
CA ARG A 321 -35.50 -68.37 -34.19
C ARG A 321 -36.05 -66.96 -34.08
N ASP A 322 -37.35 -66.79 -34.25
CA ASP A 322 -37.95 -65.46 -34.13
C ASP A 322 -37.93 -64.99 -32.67
N LEU A 323 -38.37 -65.84 -31.74
CA LEU A 323 -38.49 -65.39 -30.35
C LEU A 323 -37.14 -65.00 -29.79
N THR A 324 -36.13 -65.85 -29.96
CA THR A 324 -34.83 -65.55 -29.35
C THR A 324 -34.09 -64.42 -30.06
N ALA A 325 -34.52 -64.01 -31.26
CA ALA A 325 -33.88 -62.86 -31.91
C ALA A 325 -34.39 -61.53 -31.38
N LEU A 326 -35.67 -61.46 -31.00
CA LEU A 326 -36.19 -60.26 -30.33
C LEU A 326 -35.59 -60.12 -28.94
N CYS A 327 -35.25 -61.24 -28.29
CA CYS A 327 -34.57 -61.18 -27.01
C CYS A 327 -33.16 -60.63 -27.18
N LYS A 328 -32.47 -61.03 -28.25
CA LYS A 328 -31.16 -60.46 -28.57
C LYS A 328 -31.27 -58.97 -28.87
N GLU A 329 -32.43 -58.52 -29.34
CA GLU A 329 -32.68 -57.08 -29.47
C GLU A 329 -32.86 -56.44 -28.09
N TYR A 330 -33.52 -57.15 -27.19
CA TYR A 330 -33.88 -56.60 -25.88
C TYR A 330 -32.69 -56.65 -24.92
N ASP A 331 -31.99 -57.78 -24.87
CA ASP A 331 -30.81 -57.87 -24.02
C ASP A 331 -29.77 -56.84 -24.43
N GLU A 332 -29.65 -56.58 -25.73
CA GLU A 332 -28.73 -55.56 -26.21
C GLU A 332 -29.16 -54.16 -25.77
N LEU A 333 -30.47 -53.90 -25.74
CA LEU A 333 -30.93 -52.59 -25.34
C LEU A 333 -30.73 -52.36 -23.84
N ALA A 334 -30.87 -53.40 -23.02
CA ALA A 334 -30.57 -53.26 -21.60
C ALA A 334 -29.08 -53.11 -21.33
N GLU A 335 -28.24 -53.37 -22.33
CA GLU A 335 -26.81 -53.06 -22.27
C GLU A 335 -26.58 -51.56 -22.43
N THR A 336 -27.26 -50.95 -23.41
CA THR A 336 -27.24 -49.50 -23.55
C THR A 336 -27.98 -48.83 -22.42
N GLN A 337 -29.02 -49.49 -21.88
CA GLN A 337 -29.70 -48.97 -20.70
C GLN A 337 -28.73 -48.76 -19.54
N GLY A 338 -27.80 -49.70 -19.36
CA GLY A 338 -26.85 -49.56 -18.27
C GLY A 338 -25.86 -48.43 -18.48
N LYS A 339 -25.20 -48.41 -19.64
CA LYS A 339 -24.19 -47.41 -19.94
C LYS A 339 -24.75 -45.99 -19.99
N LEU A 340 -26.08 -45.84 -20.01
CA LEU A 340 -26.67 -44.51 -19.86
C LEU A 340 -26.85 -44.15 -18.38
N GLU A 341 -27.67 -44.94 -17.65
CA GLU A 341 -27.92 -44.61 -16.24
C GLU A 341 -26.65 -44.62 -15.41
N GLU A 342 -25.59 -45.21 -15.93
CA GLU A 342 -24.26 -45.02 -15.38
C GLU A 342 -23.74 -43.62 -15.69
N LYS A 343 -23.77 -43.23 -16.97
CA LYS A 343 -23.41 -41.87 -17.37
C LYS A 343 -24.28 -40.84 -16.66
N LEU A 344 -25.56 -41.15 -16.43
CA LEU A 344 -26.41 -40.27 -15.63
C LEU A 344 -25.96 -40.23 -14.18
N GLN A 345 -25.81 -41.41 -13.57
CA GLN A 345 -25.51 -41.46 -12.13
C GLN A 345 -24.23 -40.70 -11.81
N GLU A 346 -23.23 -40.80 -12.68
CA GLU A 346 -22.01 -40.03 -12.49
C GLU A 346 -22.28 -38.54 -12.54
N LEU A 347 -23.23 -38.10 -13.36
CA LEU A 347 -23.44 -36.67 -13.56
C LEU A 347 -24.12 -36.01 -12.36
N GLU A 348 -25.12 -36.68 -11.77
CA GLU A 348 -25.69 -36.20 -10.52
C GLU A 348 -24.68 -36.22 -9.39
N ALA A 349 -23.55 -36.89 -9.58
CA ALA A 349 -22.50 -37.02 -8.58
C ALA A 349 -21.44 -35.94 -8.68
N ASN A 350 -21.09 -35.49 -9.88
CA ASN A 350 -20.02 -34.50 -10.09
C ASN A 350 -20.54 -33.18 -10.66
N PRO A 351 -21.45 -32.49 -9.98
CA PRO A 351 -21.84 -31.17 -10.44
C PRO A 351 -20.63 -30.26 -10.50
N PRO A 352 -20.66 -29.23 -11.35
CA PRO A 352 -19.76 -28.09 -11.15
C PRO A 352 -20.25 -27.29 -9.95
N SER A 353 -19.45 -26.28 -9.58
CA SER A 353 -19.78 -25.42 -8.46
C SER A 353 -21.17 -24.81 -8.65
N ASP A 354 -21.89 -24.65 -7.55
CA ASP A 354 -23.18 -24.00 -7.62
C ASP A 354 -23.05 -22.48 -7.61
N VAL A 355 -22.12 -21.95 -6.82
CA VAL A 355 -21.88 -20.51 -6.77
C VAL A 355 -20.41 -20.25 -7.01
N TYR A 356 -20.13 -19.02 -7.44
CA TYR A 356 -18.73 -18.62 -7.52
C TYR A 356 -18.13 -18.48 -6.13
N LEU A 357 -18.84 -17.79 -5.23
CA LEU A 357 -18.36 -17.55 -3.88
C LEU A 357 -19.45 -17.90 -2.88
N SER A 358 -19.17 -18.82 -1.98
CA SER A 358 -20.10 -19.01 -0.88
C SER A 358 -20.13 -17.74 -0.01
N SER A 359 -21.20 -17.63 0.78
CA SER A 359 -21.41 -16.43 1.58
C SER A 359 -20.24 -16.18 2.54
N ARG A 360 -19.69 -17.25 3.12
CA ARG A 360 -18.49 -17.12 3.94
C ARG A 360 -17.26 -16.84 3.08
N ASP A 361 -17.18 -17.48 1.90
CA ASP A 361 -16.10 -17.20 0.97
C ASP A 361 -16.06 -15.72 0.61
N ARG A 362 -17.22 -15.14 0.34
CA ARG A 362 -17.29 -13.71 0.04
C ARG A 362 -16.77 -12.87 1.20
N GLN A 363 -17.24 -13.15 2.42
CA GLN A 363 -16.75 -12.40 3.58
C GLN A 363 -15.24 -12.54 3.73
N ILE A 364 -14.72 -13.76 3.59
CA ILE A 364 -13.27 -13.93 3.65
C ILE A 364 -12.60 -13.11 2.57
N LEU A 365 -13.18 -13.11 1.36
CA LEU A 365 -12.60 -12.33 0.27
C LEU A 365 -12.66 -10.85 0.59
N ASP A 366 -13.74 -10.41 1.24
CA ASP A 366 -13.79 -9.01 1.63
C ASP A 366 -12.69 -8.66 2.62
N TRP A 367 -12.18 -9.64 3.38
CA TRP A 367 -11.03 -9.36 4.23
C TRP A 367 -9.84 -8.90 3.40
N HIS A 368 -9.54 -9.63 2.32
CA HIS A 368 -8.38 -9.25 1.51
C HIS A 368 -8.59 -7.90 0.85
N PHE A 369 -9.82 -7.59 0.44
CA PHE A 369 -10.11 -6.24 -0.05
C PHE A 369 -9.85 -5.20 1.03
N ALA A 370 -10.29 -5.49 2.27
CA ALA A 370 -10.05 -4.56 3.36
C ALA A 370 -8.56 -4.33 3.54
N ASN A 371 -7.77 -5.41 3.46
CA ASN A 371 -6.33 -5.27 3.56
C ASN A 371 -5.80 -4.28 2.53
N LEU A 372 -6.36 -4.32 1.32
CA LEU A 372 -5.93 -3.41 0.27
C LEU A 372 -6.41 -1.99 0.55
N GLU A 373 -7.61 -1.84 1.12
CA GLU A 373 -8.07 -0.52 1.53
C GLU A 373 -7.22 0.01 2.66
N PHE A 374 -6.72 -0.87 3.54
CA PHE A 374 -5.69 -0.49 4.50
C PHE A 374 -4.46 0.06 3.78
N ALA A 375 -3.87 -0.75 2.89
CA ALA A 375 -2.64 -0.34 2.23
C ALA A 375 -2.79 0.97 1.49
N ASN A 376 -3.98 1.27 0.99
CA ASN A 376 -4.16 2.48 0.22
C ASN A 376 -4.92 3.57 0.98
N ALA A 377 -5.37 3.28 2.21
CA ALA A 377 -6.08 4.25 3.04
C ALA A 377 -7.38 4.75 2.41
N THR A 378 -8.04 3.95 1.58
CA THR A 378 -9.24 4.48 0.95
C THR A 378 -10.06 3.30 0.43
N PRO A 379 -11.37 3.47 0.29
CA PRO A 379 -12.16 2.42 -0.35
C PRO A 379 -11.73 2.20 -1.79
N LEU A 380 -11.72 0.94 -2.21
CA LEU A 380 -11.26 0.58 -3.54
C LEU A 380 -12.00 1.34 -4.63
N SER A 381 -13.28 1.65 -4.42
CA SER A 381 -14.00 2.39 -5.44
C SER A 381 -13.44 3.78 -5.68
N THR A 382 -12.46 4.25 -4.92
CA THR A 382 -11.92 5.58 -5.15
C THR A 382 -10.60 5.56 -5.89
N LEU A 383 -9.95 4.40 -6.00
CA LEU A 383 -8.63 4.31 -6.60
C LEU A 383 -8.68 4.34 -8.12
N SER A 384 -7.67 4.98 -8.71
CA SER A 384 -7.46 4.88 -10.15
C SER A 384 -7.16 3.44 -10.53
N LEU A 385 -8.00 2.83 -11.36
CA LEU A 385 -7.66 1.52 -11.89
C LEU A 385 -6.31 1.53 -12.60
N LYS A 386 -6.06 2.54 -13.44
CA LYS A 386 -4.86 2.58 -14.25
C LYS A 386 -3.59 2.80 -13.42
N HIS A 387 -3.67 3.61 -12.35
CA HIS A 387 -2.45 4.13 -11.71
C HIS A 387 -2.33 3.87 -10.22
N TRP A 388 -3.26 3.15 -9.58
CA TRP A 388 -3.24 3.09 -8.12
C TRP A 388 -1.98 2.44 -7.59
N ASP A 389 -1.29 1.63 -8.40
CA ASP A 389 -0.04 1.00 -7.98
C ASP A 389 1.15 1.47 -8.81
N GLN A 390 1.11 2.72 -9.26
CA GLN A 390 2.16 3.24 -10.13
C GLN A 390 3.52 3.31 -9.43
N ASP A 391 3.53 3.27 -8.09
CA ASP A 391 4.76 3.33 -7.31
C ASP A 391 5.45 1.97 -7.15
N ASP A 392 4.88 0.89 -7.71
CA ASP A 392 5.38 -0.45 -7.41
C ASP A 392 6.74 -0.72 -8.03
N ASP A 393 7.07 -0.08 -9.15
CA ASP A 393 8.39 -0.29 -9.73
C ASP A 393 9.53 0.12 -8.81
N PHE A 394 9.23 0.86 -7.73
CA PHE A 394 10.24 1.41 -6.85
C PHE A 394 10.29 0.77 -5.47
N GLU A 395 9.47 -0.26 -5.22
CA GLU A 395 9.53 -0.99 -3.95
C GLU A 395 10.96 -1.34 -3.57
N PHE A 396 11.25 -1.23 -2.27
CA PHE A 396 12.53 -1.63 -1.73
C PHE A 396 12.58 -3.15 -1.61
N THR A 397 13.80 -3.69 -1.61
CA THR A 397 13.97 -5.12 -1.40
C THR A 397 14.20 -5.41 0.08
N GLY A 398 13.75 -6.57 0.52
CA GLY A 398 13.90 -7.06 1.88
C GLY A 398 12.56 -7.12 2.62
N SER A 399 12.57 -7.84 3.73
CA SER A 399 11.36 -7.97 4.53
C SER A 399 10.94 -6.63 5.14
N HIS A 400 9.62 -6.45 5.30
CA HIS A 400 9.10 -5.30 6.00
C HIS A 400 9.32 -5.44 7.50
N LEU A 401 9.43 -4.31 8.18
CA LEU A 401 9.74 -4.34 9.60
C LEU A 401 8.81 -3.39 10.35
N THR A 402 8.68 -3.65 11.64
CA THR A 402 8.00 -2.73 12.53
C THR A 402 9.01 -2.14 13.48
N VAL A 403 8.67 -0.96 14.01
CA VAL A 403 9.57 -0.22 14.88
C VAL A 403 9.21 -0.60 16.32
N ARG A 404 9.94 -1.57 16.86
CA ARG A 404 9.58 -2.09 18.18
C ARG A 404 9.68 -1.01 19.27
N ASN A 405 10.54 -0.01 19.10
CA ASN A 405 10.68 1.03 20.12
C ASN A 405 9.95 2.32 19.79
N GLY A 406 9.05 2.32 18.80
CA GLY A 406 8.31 3.52 18.53
C GLY A 406 8.95 4.43 17.49
N TYR A 407 8.24 4.60 16.37
CA TYR A 407 8.77 5.36 15.25
C TYR A 407 9.07 6.82 15.61
N SER A 408 8.42 7.37 16.65
CA SER A 408 8.75 8.73 17.08
C SER A 408 10.25 8.95 17.31
N CYS A 409 11.00 7.88 17.62
CA CYS A 409 12.42 8.06 17.86
C CYS A 409 13.13 8.75 16.69
N VAL A 410 12.65 8.53 15.46
CA VAL A 410 13.24 9.15 14.27
C VAL A 410 13.02 10.67 14.27
N PRO A 411 11.78 11.18 14.29
CA PRO A 411 11.66 12.64 14.23
C PRO A 411 12.18 13.33 15.47
N VAL A 412 12.08 12.69 16.64
CA VAL A 412 12.64 13.29 17.84
C VAL A 412 14.15 13.43 17.72
N ALA A 413 14.83 12.39 17.22
CA ALA A 413 16.26 12.54 16.95
C ALA A 413 16.53 13.58 15.88
N LEU A 414 15.69 13.65 14.83
CA LEU A 414 15.92 14.62 13.77
C LEU A 414 15.81 16.06 14.28
N ALA A 415 14.96 16.29 15.29
CA ALA A 415 14.70 17.63 15.78
C ALA A 415 15.86 18.24 16.58
N GLU A 416 16.87 17.45 16.95
CA GLU A 416 17.91 17.94 17.83
C GLU A 416 18.61 19.16 17.24
N GLY A 417 18.63 20.26 18.01
CA GLY A 417 19.32 21.47 17.62
C GLY A 417 18.61 22.37 16.63
N LEU A 418 17.42 22.00 16.18
CA LEU A 418 16.67 22.83 15.24
C LEU A 418 15.87 23.90 15.97
N ASP A 419 15.72 25.05 15.33
CA ASP A 419 14.85 26.12 15.82
C ASP A 419 13.39 25.77 15.49
N ILE A 420 12.71 25.10 16.41
CA ILE A 420 11.37 24.59 16.18
C ILE A 420 10.40 25.29 17.13
N LYS A 421 9.36 25.90 16.58
CA LYS A 421 8.35 26.62 17.34
C LYS A 421 7.08 25.79 17.34
N LEU A 422 6.76 25.20 18.48
CA LEU A 422 5.60 24.34 18.63
C LEU A 422 4.38 25.19 19.02
N ASN A 423 3.19 24.59 18.93
CA ASN A 423 1.97 25.29 19.30
C ASN A 423 1.84 26.58 18.51
N THR A 424 2.32 26.54 17.28
CA THR A 424 2.42 27.70 16.43
C THR A 424 1.79 27.32 15.10
N ALA A 425 0.54 27.70 14.92
CA ALA A 425 -0.26 27.28 13.77
C ALA A 425 -0.19 28.37 12.71
N VAL A 426 0.27 28.01 11.51
CA VAL A 426 0.28 28.91 10.38
C VAL A 426 -1.15 29.15 9.91
N ARG A 427 -1.51 30.42 9.70
CA ARG A 427 -2.81 30.76 9.16
C ARG A 427 -2.76 31.46 7.80
N GLN A 428 -1.64 32.05 7.42
CA GLN A 428 -1.55 32.70 6.12
C GLN A 428 -0.10 32.78 5.67
N VAL A 429 0.12 32.53 4.38
CA VAL A 429 1.45 32.53 3.79
C VAL A 429 1.45 33.53 2.65
N ARG A 430 2.20 34.60 2.82
CA ARG A 430 2.31 35.67 1.83
C ARG A 430 3.66 35.60 1.13
N TYR A 431 3.63 35.56 -0.19
CA TYR A 431 4.86 35.48 -0.98
C TYR A 431 4.81 36.48 -2.12
N THR A 432 5.88 37.23 -2.26
CA THR A 432 6.07 38.17 -3.36
C THR A 432 7.51 38.10 -3.83
N ALA A 433 7.78 38.82 -4.92
CA ALA A 433 9.12 38.84 -5.51
C ALA A 433 10.19 39.30 -4.55
N SER A 434 9.82 40.01 -3.47
CA SER A 434 10.81 40.56 -2.56
C SER A 434 11.00 39.72 -1.30
N GLY A 435 10.26 38.65 -1.12
CA GLY A 435 10.38 37.85 0.07
C GLY A 435 9.04 37.33 0.51
N CYS A 436 8.98 36.82 1.74
CA CYS A 436 7.79 36.15 2.25
C CYS A 436 7.50 36.56 3.69
N GLU A 437 6.26 36.34 4.09
CA GLU A 437 5.81 36.51 5.47
C GLU A 437 4.87 35.38 5.80
N VAL A 438 5.19 34.64 6.84
CA VAL A 438 4.30 33.61 7.35
C VAL A 438 3.65 34.15 8.60
N ILE A 439 2.34 33.96 8.73
CA ILE A 439 1.58 34.49 9.84
C ILE A 439 0.98 33.31 10.61
N ALA A 440 1.21 33.29 11.92
CA ALA A 440 0.84 32.15 12.76
C ALA A 440 0.20 32.65 14.05
N VAL A 441 -0.63 31.79 14.64
CA VAL A 441 -1.20 32.08 15.95
C VAL A 441 -0.72 31.01 16.91
N ASN A 442 -0.69 31.37 18.19
CA ASN A 442 -0.37 30.40 19.24
C ASN A 442 -1.62 29.59 19.56
N THR A 443 -1.54 28.28 19.37
CA THR A 443 -2.67 27.43 19.64
C THR A 443 -3.11 27.45 21.10
N ARG A 444 -2.29 27.97 22.01
CA ARG A 444 -2.62 28.02 23.42
C ARG A 444 -3.24 29.34 23.86
N SER A 445 -2.91 30.43 23.16
CA SER A 445 -3.49 31.75 23.40
C SER A 445 -3.65 32.41 22.03
N THR A 446 -4.67 31.98 21.29
CA THR A 446 -4.90 32.42 19.90
C THR A 446 -5.04 33.93 19.75
N SER A 447 -5.14 34.67 20.86
CA SER A 447 -4.91 36.11 20.81
C SER A 447 -3.52 36.44 20.27
N GLN A 448 -2.53 35.65 20.68
CA GLN A 448 -1.13 35.91 20.35
C GLN A 448 -0.85 35.58 18.89
N THR A 449 -0.30 36.55 18.15
CA THR A 449 -0.02 36.42 16.72
C THR A 449 1.45 36.70 16.45
N PHE A 450 2.05 35.91 15.55
CA PHE A 450 3.43 36.09 15.14
C PHE A 450 3.51 36.28 13.63
N ILE A 451 4.58 36.95 13.19
CA ILE A 451 4.80 37.26 11.78
C ILE A 451 6.26 36.98 11.47
N TYR A 452 6.52 36.08 10.52
CA TYR A 452 7.88 35.61 10.22
C TYR A 452 8.27 36.06 8.82
N LYS A 453 9.11 37.09 8.74
CA LYS A 453 9.72 37.48 7.47
C LYS A 453 10.75 36.43 7.05
N CYS A 454 10.82 36.16 5.75
CA CYS A 454 11.80 35.20 5.26
C CYS A 454 11.93 35.33 3.75
N ASP A 455 13.00 34.71 3.22
CA ASP A 455 13.28 34.70 1.79
C ASP A 455 12.57 33.60 1.03
N ALA A 456 12.17 32.53 1.72
CA ALA A 456 11.53 31.39 1.07
C ALA A 456 10.77 30.60 2.12
N VAL A 457 9.68 29.99 1.69
CA VAL A 457 8.84 29.17 2.55
C VAL A 457 8.82 27.77 1.97
N LEU A 458 9.08 26.78 2.83
CA LEU A 458 8.92 25.37 2.48
C LEU A 458 7.66 24.89 3.18
N CYS A 459 6.65 24.53 2.39
CA CYS A 459 5.35 24.10 2.93
C CYS A 459 5.31 22.58 2.88
N THR A 460 5.30 21.95 4.07
CA THR A 460 5.07 20.51 4.14
C THR A 460 3.69 20.19 4.72
N LEU A 461 2.76 21.14 4.71
CA LEU A 461 1.41 20.88 5.16
C LEU A 461 0.86 19.63 4.46
N PRO A 462 0.12 18.77 5.16
CA PRO A 462 -0.40 17.57 4.49
C PRO A 462 -1.43 17.93 3.45
N LEU A 463 -1.59 17.03 2.48
CA LEU A 463 -2.58 17.23 1.43
C LEU A 463 -3.96 17.46 2.02
N GLY A 464 -4.27 16.75 3.12
CA GLY A 464 -5.56 16.96 3.79
C GLY A 464 -5.76 18.40 4.24
N VAL A 465 -4.68 19.07 4.64
CA VAL A 465 -4.84 20.45 5.08
C VAL A 465 -4.99 21.36 3.87
N LEU A 466 -4.31 21.04 2.77
CA LEU A 466 -4.43 21.85 1.56
C LEU A 466 -5.81 21.75 0.94
N LYS A 467 -6.45 20.58 1.05
CA LYS A 467 -7.79 20.39 0.51
C LYS A 467 -8.87 21.07 1.34
N GLN A 468 -8.58 21.38 2.59
CA GLN A 468 -9.58 21.93 3.50
C GLN A 468 -10.25 23.14 2.89
N GLN A 469 -11.59 23.06 2.81
CA GLN A 469 -12.44 24.19 2.51
C GLN A 469 -13.39 24.41 3.68
N PRO A 470 -13.50 25.65 4.20
CA PRO A 470 -12.65 26.79 3.85
C PRO A 470 -11.21 26.54 4.28
N PRO A 471 -10.25 27.14 3.58
CA PRO A 471 -8.83 26.81 3.82
C PRO A 471 -8.41 27.05 5.27
N ALA A 472 -7.67 26.09 5.82
CA ALA A 472 -7.01 26.35 7.10
C ALA A 472 -5.95 27.42 6.94
N VAL A 473 -5.14 27.33 5.89
CA VAL A 473 -4.05 28.25 5.62
C VAL A 473 -4.36 28.98 4.33
N GLN A 474 -4.13 30.29 4.34
CA GLN A 474 -4.45 31.17 3.24
C GLN A 474 -3.17 31.62 2.55
N PHE A 475 -3.19 31.64 1.22
CA PHE A 475 -2.04 32.01 0.43
C PHE A 475 -2.27 33.33 -0.26
N VAL A 476 -1.31 34.25 -0.11
CA VAL A 476 -1.40 35.56 -0.71
C VAL A 476 -0.17 35.78 -1.59
N PRO A 477 -0.30 35.80 -2.92
CA PRO A 477 -1.55 35.63 -3.67
C PRO A 477 -2.03 34.18 -3.62
N PRO A 478 -3.29 33.91 -3.98
CA PRO A 478 -3.77 32.53 -3.98
C PRO A 478 -2.89 31.66 -4.85
N LEU A 479 -2.85 30.36 -4.54
CA LEU A 479 -2.06 29.45 -5.34
C LEU A 479 -2.59 29.40 -6.77
N PRO A 480 -1.72 29.14 -7.75
CA PRO A 480 -2.19 29.09 -9.15
C PRO A 480 -3.14 27.93 -9.39
N GLU A 481 -4.00 28.11 -10.38
CA GLU A 481 -5.00 27.09 -10.71
C GLU A 481 -4.35 25.74 -10.93
N TRP A 482 -3.16 25.72 -11.54
CA TRP A 482 -2.57 24.42 -11.89
C TRP A 482 -2.19 23.63 -10.66
N LYS A 483 -1.94 24.31 -9.55
CA LYS A 483 -1.65 23.64 -8.30
C LYS A 483 -2.91 23.27 -7.55
N THR A 484 -3.88 24.19 -7.50
CA THR A 484 -5.09 23.95 -6.73
C THR A 484 -5.91 22.81 -7.34
N SER A 485 -5.98 22.74 -8.68
CA SER A 485 -6.69 21.64 -9.30
C SER A 485 -6.00 20.32 -9.03
N ALA A 486 -4.68 20.31 -8.95
CA ALA A 486 -4.01 19.07 -8.59
C ALA A 486 -4.32 18.67 -7.15
N VAL A 487 -4.30 19.63 -6.23
CA VAL A 487 -4.72 19.35 -4.85
C VAL A 487 -6.12 18.75 -4.84
N GLN A 488 -7.03 19.24 -5.69
CA GLN A 488 -8.39 18.75 -5.68
C GLN A 488 -8.50 17.36 -6.31
N ARG A 489 -7.72 17.08 -7.36
CA ARG A 489 -7.77 15.74 -7.98
C ARG A 489 -7.27 14.68 -7.03
N MET A 490 -6.14 14.93 -6.36
CA MET A 490 -5.45 13.89 -5.63
C MET A 490 -6.29 13.31 -4.51
N GLY A 491 -6.11 12.02 -4.23
CA GLY A 491 -6.77 11.40 -3.08
C GLY A 491 -6.01 11.64 -1.78
N PHE A 492 -6.76 11.83 -0.71
CA PHE A 492 -6.21 11.82 0.65
C PHE A 492 -7.04 10.87 1.50
N GLY A 493 -6.47 9.73 1.83
CA GLY A 493 -7.18 8.66 2.50
C GLY A 493 -7.25 8.81 4.02
N ASN A 494 -7.56 7.68 4.66
CA ASN A 494 -7.73 7.67 6.10
C ASN A 494 -7.58 6.24 6.57
N LEU A 495 -7.18 6.09 7.83
CA LEU A 495 -6.87 4.81 8.44
C LEU A 495 -6.69 5.05 9.93
N ASN A 496 -7.29 4.22 10.78
CA ASN A 496 -7.20 4.49 12.20
C ASN A 496 -6.77 3.23 12.94
N LYS A 497 -6.31 3.44 14.17
CA LYS A 497 -5.83 2.35 15.00
C LYS A 497 -6.46 2.46 16.37
N VAL A 498 -6.82 1.31 16.92
CA VAL A 498 -7.20 1.16 18.31
C VAL A 498 -6.06 0.44 19.01
N VAL A 499 -5.56 1.05 20.08
CA VAL A 499 -4.46 0.49 20.89
C VAL A 499 -5.06 -0.11 22.15
N LEU A 500 -4.77 -1.38 22.40
CA LEU A 500 -5.24 -2.07 23.60
C LEU A 500 -4.02 -2.50 24.41
N CYS A 501 -3.82 -1.89 25.56
CA CYS A 501 -2.76 -2.27 26.49
C CYS A 501 -3.34 -3.13 27.61
N PHE A 502 -2.77 -4.32 27.80
CA PHE A 502 -3.16 -5.26 28.84
C PHE A 502 -1.99 -5.51 29.80
N ASP A 503 -2.30 -6.15 30.92
CA ASP A 503 -1.28 -6.56 31.88
C ASP A 503 -0.83 -8.00 31.67
N ARG A 504 -1.41 -8.72 30.72
CA ARG A 504 -1.03 -10.10 30.43
C ARG A 504 -1.28 -10.39 28.95
N VAL A 505 -0.45 -11.25 28.38
CA VAL A 505 -0.57 -11.63 26.98
C VAL A 505 -1.43 -12.87 26.86
N PHE A 506 -2.57 -12.75 26.19
CA PHE A 506 -3.51 -13.86 26.01
C PHE A 506 -3.61 -14.34 24.56
N TRP A 507 -2.79 -13.81 23.66
CA TRP A 507 -2.79 -14.17 22.25
C TRP A 507 -1.55 -15.01 21.96
N ASP A 508 -1.30 -15.26 20.67
CA ASP A 508 -0.14 -16.06 20.27
C ASP A 508 1.06 -15.15 20.12
N PRO A 509 2.09 -15.29 20.94
CA PRO A 509 3.21 -14.36 20.85
C PRO A 509 4.08 -14.61 19.65
N SER A 510 3.99 -15.79 19.06
CA SER A 510 4.74 -16.14 17.88
C SER A 510 4.16 -15.54 16.62
N VAL A 511 3.00 -14.89 16.71
CA VAL A 511 2.28 -14.37 15.54
C VAL A 511 2.20 -12.86 15.65
N ASN A 512 2.67 -12.15 14.61
CA ASN A 512 2.63 -10.69 14.62
C ASN A 512 1.28 -10.15 14.24
N LEU A 513 0.51 -10.91 13.47
CA LEU A 513 -0.69 -10.42 12.80
C LEU A 513 -1.78 -11.47 12.92
N PHE A 514 -3.00 -11.05 13.21
CA PHE A 514 -4.11 -11.93 12.91
C PHE A 514 -5.27 -11.08 12.44
N GLY A 515 -6.15 -11.71 11.67
CA GLY A 515 -7.21 -11.01 10.96
C GLY A 515 -8.56 -11.39 11.54
N HIS A 516 -9.46 -10.41 11.57
CA HIS A 516 -10.87 -10.60 11.90
C HIS A 516 -11.66 -10.41 10.62
N VAL A 517 -12.46 -11.40 10.27
CA VAL A 517 -13.23 -11.31 9.03
C VAL A 517 -14.60 -10.76 9.37
N GLY A 518 -14.96 -9.65 8.75
CA GLY A 518 -16.22 -9.01 9.07
C GLY A 518 -17.41 -9.68 8.38
N SER A 519 -18.59 -9.32 8.88
CA SER A 519 -19.81 -9.92 8.37
C SER A 519 -20.32 -9.28 7.08
N THR A 520 -19.99 -8.03 6.78
CA THR A 520 -20.52 -7.35 5.60
C THR A 520 -19.43 -6.65 4.81
N THR A 521 -19.71 -6.45 3.53
CA THR A 521 -18.79 -5.79 2.61
C THR A 521 -18.53 -4.37 3.05
N ALA A 522 -19.60 -3.64 3.39
CA ALA A 522 -19.46 -2.23 3.69
C ALA A 522 -18.61 -2.02 4.93
N SER A 523 -18.76 -2.87 5.95
CA SER A 523 -17.99 -2.78 7.17
C SER A 523 -16.75 -3.67 7.17
N ARG A 524 -16.27 -4.08 6.00
CA ARG A 524 -15.19 -5.06 5.98
C ARG A 524 -13.92 -4.52 6.64
N GLY A 525 -13.78 -3.21 6.75
CA GLY A 525 -12.55 -2.70 7.31
C GLY A 525 -12.57 -2.41 8.79
N GLU A 526 -13.68 -2.69 9.47
CA GLU A 526 -13.83 -2.36 10.89
C GLU A 526 -13.05 -3.40 11.71
N LEU A 527 -11.92 -2.98 12.29
CA LEU A 527 -11.16 -3.84 13.20
C LEU A 527 -10.78 -5.14 12.53
N PHE A 528 -10.29 -5.06 11.30
CA PHE A 528 -10.10 -6.26 10.51
C PHE A 528 -8.75 -6.90 10.72
N LEU A 529 -7.76 -6.13 11.17
CA LEU A 529 -6.38 -6.59 11.28
C LEU A 529 -5.80 -6.22 12.64
N PHE A 530 -5.26 -7.21 13.33
CA PHE A 530 -4.64 -7.02 14.64
C PHE A 530 -3.13 -7.20 14.54
N TRP A 531 -2.39 -6.32 15.24
CA TRP A 531 -0.95 -6.31 15.21
C TRP A 531 -0.41 -6.55 16.61
N ASN A 532 0.60 -7.40 16.70
CA ASN A 532 1.29 -7.77 17.93
C ASN A 532 2.75 -7.40 17.73
N LEU A 533 3.12 -6.20 18.12
CA LEU A 533 4.37 -5.62 17.69
C LEU A 533 5.37 -5.31 18.80
N TYR A 534 4.97 -5.39 20.08
CA TYR A 534 5.70 -4.65 21.12
C TYR A 534 6.10 -5.53 22.31
N LYS A 535 6.87 -4.93 23.22
CA LYS A 535 7.40 -5.68 24.38
C LYS A 535 6.33 -5.89 25.44
N ALA A 536 5.49 -4.90 25.66
CA ALA A 536 4.37 -4.95 26.59
C ALA A 536 3.16 -5.57 25.92
N PRO A 537 2.19 -6.08 26.70
CA PRO A 537 1.01 -6.72 26.09
C PRO A 537 0.07 -5.75 25.37
N ILE A 538 0.39 -5.38 24.13
CA ILE A 538 -0.36 -4.41 23.36
C ILE A 538 -0.82 -5.02 22.05
N LEU A 539 -2.05 -4.70 21.65
CA LEU A 539 -2.55 -5.03 20.33
C LEU A 539 -2.95 -3.75 19.63
N LEU A 540 -2.59 -3.63 18.35
CA LEU A 540 -3.17 -2.62 17.47
C LEU A 540 -4.22 -3.29 16.59
N ALA A 541 -5.39 -2.65 16.50
CA ALA A 541 -6.43 -3.06 15.57
C ALA A 541 -6.63 -1.94 14.58
N LEU A 542 -6.66 -2.28 13.28
CA LEU A 542 -6.86 -1.30 12.22
C LEU A 542 -8.35 -1.10 11.92
N VAL A 543 -8.72 0.13 11.62
CA VAL A 543 -10.04 0.46 11.09
C VAL A 543 -9.80 1.05 9.72
N ALA A 544 -10.16 0.31 8.67
CA ALA A 544 -9.76 0.65 7.32
C ALA A 544 -10.96 0.93 6.42
N GLY A 545 -10.69 1.57 5.29
CA GLY A 545 -11.70 1.68 4.25
C GLY A 545 -12.84 2.60 4.64
N GLU A 546 -14.03 2.24 4.19
CA GLU A 546 -15.22 3.00 4.57
C GLU A 546 -15.36 3.12 6.08
N ALA A 547 -14.91 2.10 6.81
CA ALA A 547 -15.08 2.11 8.26
C ALA A 547 -14.19 3.16 8.92
N ALA A 548 -13.05 3.48 8.30
CA ALA A 548 -12.08 4.42 8.88
C ALA A 548 -12.73 5.74 9.30
N GLY A 549 -13.38 6.42 8.35
CA GLY A 549 -13.90 7.74 8.66
C GLY A 549 -15.13 7.66 9.54
N ILE A 550 -16.00 6.69 9.27
CA ILE A 550 -17.26 6.58 9.99
C ILE A 550 -17.02 6.27 11.46
N MET A 551 -16.10 5.35 11.75
CA MET A 551 -15.82 4.93 13.11
C MET A 551 -15.27 6.05 14.00
N GLU A 552 -14.67 7.10 13.42
CA GLU A 552 -14.21 8.22 14.23
C GLU A 552 -15.35 8.81 15.06
N ASN A 553 -16.60 8.60 14.66
CA ASN A 553 -17.75 9.10 15.38
C ASN A 553 -18.15 8.24 16.57
N ILE A 554 -17.41 7.18 16.88
CA ILE A 554 -17.71 6.33 18.03
C ILE A 554 -16.79 6.72 19.18
N SER A 555 -17.35 6.84 20.39
CA SER A 555 -16.51 7.08 21.55
C SER A 555 -15.54 5.92 21.73
N ASP A 556 -14.41 6.23 22.37
CA ASP A 556 -13.38 5.23 22.64
C ASP A 556 -13.96 4.02 23.34
N ASP A 557 -14.81 4.24 24.36
CA ASP A 557 -15.27 3.14 25.19
C ASP A 557 -16.01 2.10 24.36
N VAL A 558 -16.81 2.57 23.40
CA VAL A 558 -17.60 1.65 22.59
C VAL A 558 -16.76 0.97 21.53
N ILE A 559 -15.87 1.71 20.87
CA ILE A 559 -15.09 1.02 19.86
C ILE A 559 -14.17 -0.01 20.51
N VAL A 560 -13.66 0.29 21.72
CA VAL A 560 -12.86 -0.70 22.45
C VAL A 560 -13.72 -1.91 22.82
N GLY A 561 -14.90 -1.65 23.40
CA GLY A 561 -15.84 -2.73 23.63
C GLY A 561 -15.99 -3.65 22.44
N ARG A 562 -16.00 -3.08 21.24
CA ARG A 562 -16.14 -3.89 20.03
C ARG A 562 -14.86 -4.67 19.74
N CYS A 563 -13.69 -4.07 20.01
CA CYS A 563 -12.46 -4.85 19.96
C CYS A 563 -12.55 -6.03 20.92
N LEU A 564 -12.81 -5.75 22.19
CA LEU A 564 -12.82 -6.79 23.19
C LEU A 564 -13.80 -7.89 22.83
N ALA A 565 -14.88 -7.55 22.15
CA ALA A 565 -15.85 -8.56 21.73
C ALA A 565 -15.26 -9.47 20.66
N ILE A 566 -14.65 -8.88 19.63
CA ILE A 566 -13.98 -9.69 18.61
C ILE A 566 -12.96 -10.62 19.25
N LEU A 567 -12.06 -10.06 20.09
CA LEU A 567 -11.03 -10.87 20.71
C LEU A 567 -11.62 -11.94 21.63
N LYS A 568 -12.69 -11.60 22.37
CA LYS A 568 -13.30 -12.60 23.22
C LYS A 568 -13.89 -13.73 22.38
N GLY A 569 -14.36 -13.41 21.18
CA GLY A 569 -14.81 -14.46 20.27
C GLY A 569 -13.69 -15.38 19.82
N ILE A 570 -12.46 -14.89 19.76
CA ILE A 570 -11.35 -15.66 19.23
C ILE A 570 -10.66 -16.49 20.31
N PHE A 571 -10.52 -15.94 21.51
CA PHE A 571 -9.83 -16.61 22.59
C PHE A 571 -10.71 -16.98 23.77
N GLY A 572 -12.01 -16.67 23.72
CA GLY A 572 -12.88 -16.95 24.83
C GLY A 572 -13.09 -15.73 25.71
N SER A 573 -14.27 -15.67 26.34
CA SER A 573 -14.59 -14.51 27.17
C SER A 573 -13.74 -14.46 28.43
N SER A 574 -13.34 -15.61 28.96
CA SER A 574 -12.51 -15.62 30.16
C SER A 574 -11.06 -15.25 29.89
N ALA A 575 -10.60 -15.35 28.64
CA ALA A 575 -9.19 -15.10 28.37
C ALA A 575 -8.86 -13.62 28.23
N VAL A 576 -9.86 -12.76 28.01
CA VAL A 576 -9.57 -11.37 27.65
C VAL A 576 -9.89 -10.42 28.79
N PRO A 577 -8.89 -9.99 29.55
CA PRO A 577 -9.15 -9.04 30.64
C PRO A 577 -9.45 -7.68 30.06
N GLN A 578 -10.02 -6.83 30.91
CA GLN A 578 -10.22 -5.45 30.53
C GLN A 578 -8.87 -4.78 30.35
N PRO A 579 -8.69 -4.00 29.29
CA PRO A 579 -7.40 -3.32 29.07
C PRO A 579 -7.10 -2.34 30.20
N LYS A 580 -5.81 -2.14 30.45
CA LYS A 580 -5.35 -1.16 31.41
C LYS A 580 -5.19 0.23 30.80
N GLU A 581 -4.88 0.34 29.50
CA GLU A 581 -4.86 1.62 28.81
C GLU A 581 -5.27 1.41 27.37
N THR A 582 -6.02 2.37 26.83
CA THR A 582 -6.42 2.32 25.43
C THR A 582 -6.19 3.67 24.78
N VAL A 583 -5.93 3.65 23.48
CA VAL A 583 -5.77 4.85 22.67
C VAL A 583 -6.42 4.61 21.33
N VAL A 584 -7.06 5.64 20.76
CA VAL A 584 -7.80 5.53 19.51
C VAL A 584 -7.47 6.73 18.64
N SER A 585 -6.89 6.49 17.45
CA SER A 585 -6.59 7.57 16.54
C SER A 585 -7.83 8.01 15.80
N ARG A 586 -7.83 9.28 15.38
CA ARG A 586 -8.92 9.89 14.59
C ARG A 586 -8.26 10.85 13.61
N TRP A 587 -7.59 10.28 12.61
CA TRP A 587 -6.75 11.10 11.74
C TRP A 587 -7.57 12.03 10.85
N ARG A 588 -8.77 11.62 10.44
CA ARG A 588 -9.56 12.49 9.57
C ARG A 588 -9.98 13.75 10.30
N ALA A 589 -10.49 13.61 11.53
CA ALA A 589 -10.88 14.79 12.30
C ALA A 589 -9.69 15.55 12.85
N ASP A 590 -8.49 14.99 12.81
CA ASP A 590 -7.30 15.71 13.27
C ASP A 590 -7.06 16.89 12.33
N PRO A 591 -7.16 18.13 12.80
CA PRO A 591 -7.12 19.27 11.87
C PRO A 591 -5.73 19.55 11.34
N TRP A 592 -4.69 19.00 11.95
CA TRP A 592 -3.33 19.14 11.47
C TRP A 592 -2.95 18.05 10.48
N ALA A 593 -3.92 17.24 10.07
CA ALA A 593 -3.70 16.11 9.18
C ALA A 593 -4.85 15.98 8.19
N ARG A 594 -6.08 15.86 8.69
CA ARG A 594 -7.28 15.70 7.87
C ARG A 594 -7.21 14.42 7.03
N GLY A 595 -6.64 13.37 7.59
CA GLY A 595 -6.50 12.12 6.88
C GLY A 595 -5.22 11.43 7.27
N SER A 596 -4.87 10.36 6.56
CA SER A 596 -3.70 9.56 6.91
C SER A 596 -2.60 9.65 5.88
N TYR A 597 -2.90 9.36 4.61
CA TYR A 597 -1.93 9.63 3.56
C TYR A 597 -2.66 9.68 2.23
N SER A 598 -1.94 10.18 1.22
CA SER A 598 -2.48 10.31 -0.11
C SER A 598 -2.64 8.94 -0.77
N TYR A 599 -3.40 8.91 -1.85
CA TYR A 599 -3.59 7.75 -2.70
C TYR A 599 -3.92 8.26 -4.09
N VAL A 600 -3.67 7.44 -5.10
CA VAL A 600 -3.92 7.90 -6.46
C VAL A 600 -5.41 7.72 -6.74
N ALA A 601 -6.14 8.82 -6.75
CA ALA A 601 -7.57 8.79 -7.01
C ALA A 601 -7.85 8.54 -8.48
N ALA A 602 -8.96 7.85 -8.73
CA ALA A 602 -9.51 7.79 -10.08
C ALA A 602 -9.55 9.19 -10.65
N GLY A 603 -8.99 9.35 -11.85
CA GLY A 603 -8.91 10.66 -12.47
C GLY A 603 -7.69 11.47 -12.09
N SER A 604 -6.85 10.97 -11.20
CA SER A 604 -5.54 11.54 -10.98
C SER A 604 -4.51 10.59 -11.58
N SER A 605 -3.24 10.84 -11.29
CA SER A 605 -2.14 10.02 -11.79
C SER A 605 -0.89 10.50 -11.07
N GLY A 606 0.20 9.75 -11.25
CA GLY A 606 1.45 10.13 -10.62
C GLY A 606 1.91 11.52 -10.99
N ASN A 607 1.43 12.03 -12.12
CA ASN A 607 1.83 13.35 -12.55
C ASN A 607 1.37 14.43 -11.57
N ASP A 608 0.24 14.22 -10.88
CA ASP A 608 -0.16 15.22 -9.90
C ASP A 608 0.86 15.32 -8.77
N TYR A 609 1.59 14.23 -8.50
CA TYR A 609 2.64 14.30 -7.48
C TYR A 609 3.78 15.19 -7.93
N ASP A 610 4.10 15.19 -9.23
CA ASP A 610 5.11 16.14 -9.72
C ASP A 610 4.60 17.57 -9.60
N LEU A 611 3.35 17.80 -9.99
CA LEU A 611 2.79 19.14 -9.90
C LEU A 611 2.82 19.63 -8.46
N MET A 612 2.53 18.74 -7.51
CA MET A 612 2.57 19.13 -6.12
C MET A 612 3.95 19.61 -5.71
N ALA A 613 5.00 18.95 -6.22
CA ALA A 613 6.36 19.33 -5.84
C ALA A 613 6.81 20.64 -6.47
N GLN A 614 6.10 21.15 -7.47
CA GLN A 614 6.54 22.33 -8.19
C GLN A 614 6.55 23.56 -7.29
N PRO A 615 7.66 24.29 -7.22
CA PRO A 615 7.66 25.56 -6.50
C PRO A 615 6.93 26.66 -7.27
N ILE A 616 6.56 27.70 -6.53
CA ILE A 616 5.80 28.83 -7.04
C ILE A 616 6.73 30.03 -7.20
N THR A 617 6.54 30.80 -8.27
CA THR A 617 7.25 32.04 -8.50
C THR A 617 6.23 33.13 -8.76
N PRO A 618 6.19 34.21 -8.00
CA PRO A 618 5.28 35.31 -8.31
C PRO A 618 5.65 35.94 -9.66
N GLY A 619 4.63 36.16 -10.49
CA GLY A 619 4.80 36.54 -11.89
C GLY A 619 5.66 37.77 -12.09
N PRO A 620 6.45 37.78 -13.21
CA PRO A 620 7.44 38.84 -13.53
C PRO A 620 6.85 40.23 -13.51
N PRO A 628 12.35 36.91 -12.21
CA PRO A 628 11.55 36.35 -11.12
C PRO A 628 12.19 35.09 -10.55
N ILE A 629 12.10 34.83 -9.25
CA ILE A 629 12.73 33.65 -8.66
C ILE A 629 11.78 32.91 -7.73
N PRO A 630 11.93 31.59 -7.58
CA PRO A 630 10.96 30.81 -6.79
C PRO A 630 11.01 31.21 -5.33
N ARG A 631 9.85 31.17 -4.72
CA ARG A 631 9.67 31.60 -3.34
C ARG A 631 9.04 30.53 -2.46
N LEU A 632 8.01 29.84 -2.97
CA LEU A 632 7.18 28.94 -2.18
C LEU A 632 7.41 27.51 -2.64
N PHE A 633 7.88 26.66 -1.73
CA PHE A 633 8.30 25.30 -2.03
C PHE A 633 7.43 24.29 -1.30
N PHE A 634 7.43 23.05 -1.80
CA PHE A 634 6.52 22.03 -1.29
C PHE A 634 7.24 20.71 -1.10
N ALA A 635 7.11 20.16 0.11
CA ALA A 635 7.57 18.81 0.40
C ALA A 635 6.47 18.06 1.14
N GLY A 636 6.69 16.78 1.34
CA GLY A 636 5.72 15.94 1.99
C GLY A 636 5.43 14.69 1.18
N GLU A 637 4.79 13.74 1.85
CA GLU A 637 4.54 12.46 1.23
C GLU A 637 3.78 12.61 -0.07
N HIS A 638 2.97 13.67 -0.19
CA HIS A 638 2.16 13.89 -1.39
C HIS A 638 2.90 14.61 -2.50
N THR A 639 4.21 14.78 -2.40
CA THR A 639 4.94 15.49 -3.44
C THR A 639 5.98 14.63 -4.14
N ILE A 640 6.02 13.32 -3.88
CA ILE A 640 7.12 12.50 -4.35
C ILE A 640 6.52 11.31 -5.09
N ARG A 641 6.52 11.42 -6.41
CA ARG A 641 5.78 10.50 -7.27
C ARG A 641 6.20 9.04 -7.09
N ASN A 642 7.48 8.79 -6.77
CA ASN A 642 7.94 7.40 -6.74
C ASN A 642 7.84 6.75 -5.38
N TYR A 643 7.55 7.51 -4.34
CA TYR A 643 7.48 6.92 -3.00
C TYR A 643 6.40 7.59 -2.16
N PRO A 644 5.20 7.79 -2.68
CA PRO A 644 4.21 8.58 -1.96
C PRO A 644 3.65 7.83 -0.77
N ALA A 645 3.05 8.58 0.16
CA ALA A 645 2.32 8.04 1.30
C ALA A 645 3.22 7.31 2.30
N THR A 646 4.52 7.54 2.28
CA THR A 646 5.42 6.83 3.18
C THR A 646 6.25 7.81 4.01
N VAL A 647 6.93 7.25 5.02
CA VAL A 647 7.89 8.02 5.79
C VAL A 647 9.13 8.30 4.95
N HIS A 648 9.64 7.29 4.24
CA HIS A 648 10.85 7.52 3.47
C HIS A 648 10.60 8.49 2.33
N GLY A 649 9.40 8.48 1.74
CA GLY A 649 9.10 9.44 0.71
C GLY A 649 9.02 10.85 1.25
N ALA A 650 8.35 11.01 2.39
CA ALA A 650 8.43 12.27 3.12
C ALA A 650 9.88 12.70 3.32
N LEU A 651 10.73 11.79 3.78
CA LEU A 651 12.12 12.14 4.04
C LEU A 651 12.83 12.52 2.76
N LEU A 652 12.75 11.66 1.74
CA LEU A 652 13.38 11.99 0.47
C LEU A 652 12.86 13.32 -0.06
N SER A 653 11.59 13.65 0.20
CA SER A 653 11.06 14.88 -0.38
C SER A 653 11.64 16.10 0.31
N GLY A 654 11.82 16.03 1.63
CA GLY A 654 12.51 17.12 2.32
C GLY A 654 13.92 17.29 1.83
N LEU A 655 14.67 16.18 1.68
CA LEU A 655 16.05 16.27 1.21
C LEU A 655 16.11 16.92 -0.17
N ARG A 656 15.17 16.56 -1.04
CA ARG A 656 15.14 17.13 -2.38
C ARG A 656 14.92 18.64 -2.34
N GLU A 657 13.95 19.09 -1.55
CA GLU A 657 13.65 20.52 -1.52
C GLU A 657 14.77 21.32 -0.89
N ALA A 658 15.46 20.74 0.09
CA ALA A 658 16.63 21.45 0.63
C ALA A 658 17.66 21.67 -0.46
N GLY A 659 17.85 20.68 -1.32
CA GLY A 659 18.77 20.86 -2.43
C GLY A 659 18.28 21.93 -3.39
N ARG A 660 16.99 21.90 -3.72
CA ARG A 660 16.45 22.87 -4.66
C ARG A 660 16.59 24.28 -4.11
N ILE A 661 16.28 24.46 -2.83
CA ILE A 661 16.36 25.79 -2.22
C ILE A 661 17.79 26.27 -2.12
N ALA A 662 18.72 25.40 -1.69
CA ALA A 662 20.12 25.79 -1.63
C ALA A 662 20.66 26.13 -3.01
N ASP A 663 20.27 25.36 -4.04
CA ASP A 663 20.68 25.71 -5.40
C ASP A 663 20.26 27.13 -5.75
N GLN A 664 19.07 27.54 -5.30
CA GLN A 664 18.55 28.85 -5.65
C GLN A 664 19.22 29.95 -4.83
N PHE A 665 19.39 29.75 -3.53
CA PHE A 665 19.83 30.79 -2.62
C PHE A 665 21.30 30.72 -2.25
N LEU A 666 22.02 29.67 -2.62
CA LEU A 666 23.47 29.65 -2.45
C LEU A 666 24.24 29.44 -3.75
N GLY A 667 23.58 29.01 -4.81
CA GLY A 667 24.20 28.75 -6.09
C GLY A 667 24.23 27.26 -6.39
N ALA A 668 24.11 26.93 -7.68
CA ALA A 668 24.00 25.51 -8.09
C ALA A 668 25.36 24.86 -8.39
PA FAD B . 3.37 15.25 8.39
O1A FAD B . 4.14 14.24 9.21
O2A FAD B . 1.90 15.31 8.63
O5B FAD B . 3.98 16.72 8.60
C5B FAD B . 3.13 17.86 8.47
C4B FAD B . 3.28 18.70 9.72
O4B FAD B . 2.60 19.94 9.56
C3B FAD B . 2.66 18.02 10.92
O3B FAD B . 3.59 18.03 12.02
C2B FAD B . 1.46 18.87 11.24
O2B FAD B . 1.15 18.86 12.63
C1B FAD B . 1.92 20.23 10.79
N9A FAD B . 0.86 21.19 10.47
C8A FAD B . -0.35 20.93 9.94
N7A FAD B . -1.04 22.08 9.77
C5A FAD B . -0.27 23.09 10.20
C6A FAD B . -0.39 24.56 10.30
N6A FAD B . -1.52 25.19 9.90
N1A FAD B . 0.66 25.24 10.80
C2A FAD B . 1.79 24.64 11.21
N3A FAD B . 1.97 23.31 11.16
C4A FAD B . 1.00 22.51 10.66
N1 FAD B . 4.19 5.40 6.25
C2 FAD B . 5.10 4.42 6.33
O2 FAD B . 6.21 4.60 5.76
N3 FAD B . 4.86 3.28 7.00
C4 FAD B . 3.71 3.03 7.62
O4 FAD B . 3.51 1.96 8.24
C4X FAD B . 2.66 4.06 7.59
N5 FAD B . 1.41 3.89 8.08
C5X FAD B . 0.68 4.94 8.41
C6 FAD B . -0.34 4.83 9.37
C7 FAD B . -1.04 5.97 9.75
C7M FAD B . -2.16 5.93 10.76
C8 FAD B . -0.67 7.26 9.15
C8M FAD B . -1.42 8.50 9.58
C9 FAD B . 0.34 7.35 8.20
C9A FAD B . 1.03 6.22 7.79
N10 FAD B . 2.06 6.30 6.85
C10 FAD B . 2.98 5.27 6.82
C1' FAD B . 2.28 7.53 6.10
C2' FAD B . 3.43 8.34 6.69
O2' FAD B . 3.32 8.39 8.13
C3' FAD B . 3.47 9.74 6.09
O3' FAD B . 3.68 9.65 4.68
C4' FAD B . 4.63 10.57 6.65
O4' FAD B . 4.56 10.71 8.07
C5' FAD B . 4.68 11.91 5.92
O5' FAD B . 4.85 13.03 6.77
P FAD B . 5.00 14.52 6.18
O1P FAD B . 6.22 15.18 6.72
O2P FAD B . 4.83 14.49 4.69
O3P FAD B . 3.67 15.15 6.83
C1 8A2 C . 3.36 1.93 1.91
C3 8A2 C . 3.58 1.20 3.08
C4 8A2 C . 2.89 1.57 4.24
C6 8A2 C . 1.96 2.66 4.26
C7 8A2 C . 1.19 3.07 5.41
C8 8A2 C . 0.87 2.02 6.48
C9 8A2 C . 0.56 2.58 7.85
C11 8A2 C . 1.79 3.35 3.09
C12 8A2 C . 2.46 3.02 1.93
F5 8A2 C . 3.11 0.84 5.35
F13 8A2 C . 2.23 3.74 0.85
O10 8A2 C . 0.41 1.82 8.76
BR2 8A2 C . 4.30 1.47 0.23
O1 TLA D . 34.92 20.03 3.72
O11 TLA D . 33.55 18.47 3.02
C1 TLA D . 33.90 19.67 3.11
C2 TLA D . 33.07 20.75 2.46
O2 TLA D . 31.81 20.21 2.01
C3 TLA D . 33.87 21.42 1.32
O3 TLA D . 34.34 20.45 0.37
C4 TLA D . 33.11 22.52 0.60
O4 TLA D . 32.30 23.21 1.25
O41 TLA D . 33.32 22.73 -0.62
C1 GOL E . -14.56 -3.94 -4.62
O1 GOL E . -14.11 -3.24 -3.51
C2 GOL E . -15.50 -5.09 -4.14
O2 GOL E . -16.45 -4.71 -3.18
C3 GOL E . -16.12 -5.60 -5.46
O3 GOL E . -16.84 -6.77 -5.16
C1 GOL F . -4.47 10.71 16.81
O1 GOL F . -5.81 10.94 16.47
C2 GOL F . -3.73 12.03 16.48
O2 GOL F . -3.88 12.35 15.14
C3 GOL F . -2.21 11.79 16.92
O3 GOL F . -1.68 13.00 17.45
C1 GOL G . 19.24 27.22 13.86
O1 GOL G . 19.53 27.15 12.46
C2 GOL G . 20.49 27.74 14.59
O2 GOL G . 20.36 27.60 15.98
C3 GOL G . 21.64 26.90 14.03
O3 GOL G . 22.79 27.26 14.74
C1 GOL H . -0.25 -9.00 5.27
O1 GOL H . -1.40 -9.62 5.81
C2 GOL H . -0.60 -7.50 5.10
O2 GOL H . -1.32 -7.03 6.18
C3 GOL H . 0.79 -6.79 4.91
O3 GOL H . 0.89 -5.74 5.85
C1 GOL I . 10.84 16.99 20.98
O1 GOL I . 11.18 18.35 20.80
C2 GOL I . 9.28 16.95 21.30
O2 GOL I . 8.49 17.06 20.15
C3 GOL I . 9.00 15.59 21.88
O3 GOL I . 7.95 15.12 21.06
C1 GOL J . 0.41 3.56 -1.60
O1 GOL J . 1.59 3.80 -2.31
C2 GOL J . -0.51 4.82 -1.79
O2 GOL J . -0.75 5.14 -3.15
C3 GOL J . -1.77 4.42 -1.04
O3 GOL J . -2.46 5.55 -0.63
#